data_7CMK
#
_entry.id   7CMK
#
loop_
_entity.id
_entity.type
_entity.pdbx_description
1 polymer VP1
2 polymer VP2
3 polymer VP3
4 polymer 'Heavy chain'
5 polymer 'Light chain'
#
loop_
_entity_poly.entity_id
_entity_poly.type
_entity_poly.pdbx_seq_one_letter_code
_entity_poly.pdbx_strand_id
1 'polypeptide(L)'
;NDPESALNRAVGRVADTVASGPVNTEQIPALTAVETGHTSQVVPSDTMQTRHVINYHTRSESSIENFMGRAACVYIAQYA
TEKVNDELDRYTNWEITTRQVAQLRRKLEMFTYMRFDLEITFVITSSQRTSTTYASDSPPLTHQVMYVPPGGPIPKSYED
FAWQTSTNPSVFWTEGNAPPRMSIPFMSVGNAYCNFYDGWSHFSQSGVYGYTTLNNMGHLYFRHVNKSTAYPVNSVARVY
FKPKHVKAWVPRAPRLCPYLKARNVNFNVQGVTESRNKITLDRSTHNPLANT
;
A
2 'polypeptide(L)'
;MGAQVSTQKTGAHETGLNASGNSIIHYTNINYYKDSASNSLNRQDFTQDPSKFTEPVKDVMIKTLPALNSPTVEECGYSD
RVRSITLGNSTITTQECANVVVGYGVWPTYLSDHEATAVDQPTQPDVATCRFYTLESVKWESSSAGWWWKFPEALSDMGL
FGQNMQYHYLGRTGYTIHVQCNASKFHQGCLLVVCVPEAEMGAATTDHAFNHTKLSNIGQAMEFSAKKSTDQTGPQTAVH
NAGMGVAVGNLTIFPHQWINLRTNNSATIVMPYINSVPMDNMYRHYNFTLMVIPFAKLEHSPQASTYVPITVTVAPMCAE
YNGLRLAGHQ
;
B
3 'polypeptide(L)'
;GLPTMNTPGSTQFLTSDDFQSPSAMPQFDVTPEIQIPGQVRNLMEIAEVDSVVPVNNTEGHVNSMEAYRIPVRPQTSSGE
QVFGFQLQPGHDSVLKHTLLGEILNYYANWSGSMKLTFMYCGAAMATGKFLIAYSPPGAGVPGSRRDAMLGTHVIWDVGL
QSSCVLCVPWISQTNYRYVTSDAYTDAGYITCWYQTSIVTPPDIPTTSTILCFVSACNDFSVRLLRDTPFITQQALFQ
;
C
4 'polypeptide(L)'
;QVQLQQSGSELVRPGASVKLSCRASGYTFTTYWMHWVKQRPGQGLEWIGNIYPHSGNTNYDERFKSKATLTVDTSSSTAY
MQLSSLTSEDSAVYYCTRDLRGFAYWGQGTTVTVSSPKTTPPSVYPLAPAAASTAASMVTLGCLVKGYFPEPVTVTWNSG
SLSSGVHTFPAVLQSDLYTLSSSVTVPSSTWPSETVTCNVAHPASSTKVDKKIVPR
;
H
5 'polypeptide(L)'
;DIELTQSPAIMSASPGEKVTMTCSASSSLRYMHWYQQKSGTSPKRWIYDTYNLASGVPVRFSGSGSGTSYSLTISSMEAE
DAATYYCQQWSSNPPTFGAGTKLELKRADAAPTVSIFPPSSEQLTSGGASVVCFLNNFYPKDINVKWKIDGSERQNGVLN
SWTDQDSKDSTYSMSSTLTLTKDEYERHNSYTCEATHKTSTSPIVKSFNRNEC
;
L
#
# COMPACT_ATOMS: atom_id res chain seq x y z
N HIS A 52 -13.78 -30.77 48.28
CA HIS A 52 -13.87 -29.33 48.04
C HIS A 52 -14.25 -28.86 46.60
N VAL A 53 -13.61 -29.29 45.49
CA VAL A 53 -12.57 -30.30 45.31
C VAL A 53 -11.22 -29.58 45.16
N ILE A 54 -10.13 -30.17 45.66
CA ILE A 54 -8.81 -29.60 45.46
C ILE A 54 -8.44 -29.69 43.98
N ASN A 55 -7.60 -28.76 43.53
CA ASN A 55 -7.59 -28.41 42.12
C ASN A 55 -6.33 -27.62 41.81
N TYR A 56 -5.83 -27.65 40.55
CA TYR A 56 -5.24 -28.71 39.66
C TYR A 56 -5.13 -27.92 38.38
N HIS A 57 -4.60 -28.55 37.32
CA HIS A 57 -4.62 -28.01 35.96
C HIS A 57 -3.91 -26.66 35.87
N THR A 58 -2.60 -26.69 36.04
CA THR A 58 -1.82 -25.46 35.96
C THR A 58 -1.85 -24.89 34.55
N ARG A 59 -1.81 -23.56 34.47
CA ARG A 59 -1.90 -22.87 33.19
C ARG A 59 -0.50 -22.69 32.61
N SER A 60 0.07 -23.80 32.17
CA SER A 60 1.40 -23.76 31.59
C SER A 60 1.35 -23.55 30.08
N GLU A 61 0.32 -24.09 29.43
CA GLU A 61 0.22 -23.96 27.99
C GLU A 61 -0.51 -22.69 27.58
N SER A 62 -1.13 -22.00 28.53
CA SER A 62 -1.72 -20.69 28.30
C SER A 62 -0.70 -19.56 28.46
N SER A 63 0.58 -19.88 28.60
CA SER A 63 1.61 -18.87 28.79
C SER A 63 1.87 -18.12 27.49
N ILE A 64 2.70 -17.09 27.57
CA ILE A 64 3.01 -16.32 26.37
C ILE A 64 3.97 -17.09 25.48
N GLU A 65 5.02 -17.68 26.06
CA GLU A 65 6.04 -18.35 25.26
C GLU A 65 5.54 -19.67 24.69
N ASN A 66 4.66 -20.37 25.39
CA ASN A 66 4.10 -21.60 24.84
C ASN A 66 3.06 -21.33 23.77
N PHE A 67 2.46 -20.15 23.78
CA PHE A 67 1.49 -19.80 22.75
C PHE A 67 2.19 -19.22 21.52
N MET A 68 3.31 -18.53 21.73
CA MET A 68 4.03 -17.90 20.64
C MET A 68 5.15 -18.75 20.08
N GLY A 69 5.76 -19.62 20.89
CA GLY A 69 6.89 -20.36 20.38
C GLY A 69 6.46 -21.62 19.66
N ARG A 70 6.31 -21.47 18.34
CA ARG A 70 5.98 -22.53 17.40
C ARG A 70 6.53 -22.05 16.06
N ALA A 71 7.20 -22.93 15.34
CA ALA A 71 7.87 -22.52 14.10
C ALA A 71 6.84 -22.25 13.02
N ALA A 72 6.49 -20.98 12.85
CA ALA A 72 5.46 -20.58 11.91
C ALA A 72 6.10 -20.09 10.63
N CYS A 73 5.64 -20.61 9.49
CA CYS A 73 6.12 -20.16 8.19
C CYS A 73 5.66 -18.73 7.94
N VAL A 74 6.58 -17.89 7.46
CA VAL A 74 6.26 -16.49 7.22
C VAL A 74 6.35 -16.10 5.74
N TYR A 75 7.15 -16.79 4.93
CA TYR A 75 7.29 -16.45 3.53
C TYR A 75 7.85 -17.65 2.79
N ILE A 76 7.40 -17.83 1.55
CA ILE A 76 7.81 -18.95 0.72
C ILE A 76 8.56 -18.36 -0.47
N ALA A 77 9.90 -18.39 -0.42
CA ALA A 77 10.72 -17.80 -1.47
C ALA A 77 10.89 -18.78 -2.61
N GLN A 78 10.84 -18.25 -3.84
CA GLN A 78 10.85 -19.06 -5.04
C GLN A 78 11.92 -18.53 -5.98
N TYR A 79 12.78 -19.42 -6.47
CA TYR A 79 13.83 -19.06 -7.40
C TYR A 79 14.19 -20.30 -8.20
N ALA A 80 15.08 -20.13 -9.18
CA ALA A 80 15.37 -21.18 -10.14
C ALA A 80 16.86 -21.16 -10.47
N THR A 81 17.24 -21.91 -11.50
CA THR A 81 18.60 -21.89 -12.03
C THR A 81 18.63 -21.26 -13.42
N GLU A 82 17.87 -21.78 -14.37
CA GLU A 82 17.67 -21.06 -15.61
C GLU A 82 16.52 -20.09 -15.42
N LYS A 83 16.74 -18.84 -15.80
CA LYS A 83 15.70 -17.83 -15.67
C LYS A 83 14.67 -18.05 -16.77
N VAL A 84 13.45 -18.42 -16.37
CA VAL A 84 12.37 -18.56 -17.34
C VAL A 84 11.62 -17.24 -17.52
N ASN A 85 11.28 -16.58 -16.42
CA ASN A 85 10.65 -15.26 -16.42
C ASN A 85 10.88 -14.66 -15.04
N ASP A 86 10.25 -13.53 -14.77
CA ASP A 86 10.23 -12.91 -13.46
C ASP A 86 8.77 -12.82 -13.04
N GLU A 87 8.36 -13.58 -12.02
CA GLU A 87 9.21 -14.35 -11.11
C GLU A 87 9.51 -15.78 -11.59
N LEU A 88 10.01 -16.60 -10.66
CA LEU A 88 10.84 -17.77 -10.96
C LEU A 88 12.00 -17.38 -11.87
N ASP A 89 12.71 -16.36 -11.43
CA ASP A 89 14.05 -16.03 -11.87
C ASP A 89 14.98 -16.52 -10.78
N ARG A 90 16.24 -16.81 -11.13
CA ARG A 90 17.26 -16.97 -10.10
C ARG A 90 17.44 -15.67 -9.34
N TYR A 91 18.02 -15.76 -8.13
CA TYR A 91 18.25 -14.59 -7.28
C TYR A 91 16.92 -13.88 -6.91
N THR A 92 16.18 -14.46 -5.98
CA THR A 92 15.03 -13.76 -5.43
C THR A 92 15.40 -13.12 -4.08
N ASN A 93 14.50 -12.29 -3.57
CA ASN A 93 14.73 -11.58 -2.31
C ASN A 93 13.41 -11.32 -1.61
N TRP A 94 13.51 -10.90 -0.35
CA TRP A 94 12.33 -10.70 0.49
C TRP A 94 12.72 -9.82 1.65
N GLU A 95 12.13 -8.63 1.74
CA GLU A 95 12.33 -7.81 2.93
C GLU A 95 11.54 -8.41 4.08
N ILE A 96 12.16 -8.41 5.26
CA ILE A 96 11.65 -9.17 6.38
C ILE A 96 10.43 -8.44 6.96
N THR A 97 9.28 -9.11 6.90
CA THR A 97 8.10 -8.70 7.66
C THR A 97 7.38 -9.96 8.10
N THR A 98 6.68 -9.85 9.22
CA THR A 98 5.96 -11.00 9.77
C THR A 98 4.47 -10.94 9.46
N ARG A 99 4.07 -10.13 8.49
CA ARG A 99 2.67 -9.87 8.20
C ARG A 99 2.31 -10.28 6.78
N GLN A 100 2.84 -11.41 6.32
CA GLN A 100 2.43 -12.02 5.06
C GLN A 100 1.51 -13.21 5.29
N VAL A 101 1.82 -14.05 6.26
CA VAL A 101 1.01 -15.23 6.57
C VAL A 101 0.03 -14.86 7.66
N ALA A 102 -1.25 -15.18 7.44
CA ALA A 102 -2.30 -14.76 8.36
C ALA A 102 -2.29 -15.54 9.67
N GLN A 103 -1.58 -16.66 9.73
CA GLN A 103 -1.61 -17.47 10.95
C GLN A 103 -0.79 -16.84 12.06
N LEU A 104 0.46 -16.48 11.78
CA LEU A 104 1.29 -15.83 12.78
C LEU A 104 0.91 -14.37 12.98
N ARG A 105 0.36 -13.72 11.94
CA ARG A 105 0.02 -12.32 12.01
C ARG A 105 -1.08 -12.05 13.03
N ARG A 106 -2.05 -12.97 13.12
CA ARG A 106 -3.13 -12.79 14.09
C ARG A 106 -2.65 -13.05 15.51
N LYS A 107 -1.67 -13.93 15.68
CA LYS A 107 -1.11 -14.20 17.02
C LYS A 107 -0.41 -12.97 17.59
N LEU A 108 0.41 -12.31 16.79
CA LEU A 108 1.11 -11.12 17.24
C LEU A 108 0.17 -9.96 17.46
N GLU A 109 -0.89 -9.87 16.66
CA GLU A 109 -1.79 -8.73 16.71
C GLU A 109 -2.88 -8.86 17.76
N MET A 110 -2.67 -9.70 18.77
CA MET A 110 -3.43 -9.64 20.01
C MET A 110 -2.67 -8.89 21.09
N PHE A 111 -1.43 -8.49 20.82
CA PHE A 111 -0.65 -7.63 21.70
C PHE A 111 -0.15 -6.43 20.90
N THR A 112 -0.04 -5.29 21.57
CA THR A 112 0.36 -4.08 20.87
C THR A 112 1.88 -3.98 20.77
N TYR A 113 2.61 -4.31 21.82
CA TYR A 113 4.06 -4.20 21.83
C TYR A 113 4.67 -5.55 22.19
N MET A 114 5.62 -6.00 21.37
CA MET A 114 6.31 -7.27 21.57
C MET A 114 7.81 -7.01 21.71
N ARG A 115 8.50 -7.95 22.35
CA ARG A 115 9.95 -7.83 22.51
C ARG A 115 10.63 -9.17 22.32
N PHE A 116 10.26 -9.91 21.29
CA PHE A 116 10.73 -11.27 21.12
C PHE A 116 12.07 -11.33 20.41
N ASP A 117 12.85 -12.36 20.73
CA ASP A 117 13.97 -12.77 19.91
C ASP A 117 13.44 -13.69 18.82
N LEU A 118 14.32 -14.23 17.98
CA LEU A 118 13.84 -14.99 16.84
C LEU A 118 14.71 -16.21 16.60
N GLU A 119 14.15 -17.17 15.87
CA GLU A 119 14.86 -18.36 15.43
C GLU A 119 14.38 -18.66 14.01
N ILE A 120 15.28 -18.54 13.04
CA ILE A 120 14.93 -18.63 11.63
C ILE A 120 15.42 -19.96 11.09
N THR A 121 14.52 -20.72 10.47
CA THR A 121 14.83 -22.01 9.89
C THR A 121 14.30 -22.04 8.46
N PHE A 122 15.07 -22.63 7.56
CA PHE A 122 14.71 -22.73 6.15
C PHE A 122 14.49 -24.19 5.78
N VAL A 123 13.42 -24.45 5.03
CA VAL A 123 13.16 -25.77 4.48
C VAL A 123 13.26 -25.62 2.97
N ILE A 124 14.43 -25.93 2.43
CA ILE A 124 14.76 -25.64 1.04
C ILE A 124 14.73 -26.95 0.26
N THR A 125 13.67 -27.15 -0.52
CA THR A 125 13.56 -28.28 -1.41
C THR A 125 13.55 -27.80 -2.85
N SER A 126 13.91 -28.69 -3.78
CA SER A 126 14.04 -28.33 -5.17
C SER A 126 13.36 -29.38 -6.04
N SER A 127 12.73 -28.91 -7.12
CA SER A 127 12.08 -29.77 -8.09
C SER A 127 12.72 -29.56 -9.45
N GLN A 128 12.67 -30.59 -10.30
CA GLN A 128 13.25 -30.49 -11.63
C GLN A 128 12.21 -29.95 -12.60
N ARG A 129 12.62 -28.97 -13.40
CA ARG A 129 11.69 -28.30 -14.31
C ARG A 129 11.34 -29.21 -15.48
N THR A 130 10.12 -29.04 -15.98
CA THR A 130 9.64 -29.85 -17.10
C THR A 130 10.37 -29.49 -18.39
N SER A 131 10.81 -30.51 -19.10
CA SER A 131 11.55 -30.34 -20.34
C SER A 131 11.39 -31.62 -21.16
N THR A 132 12.23 -31.76 -22.20
CA THR A 132 12.15 -32.95 -23.05
C THR A 132 12.82 -34.15 -22.39
N THR A 133 14.07 -34.00 -21.98
CA THR A 133 14.81 -35.05 -21.31
C THR A 133 15.14 -34.64 -19.88
N TYR A 134 15.54 -35.62 -19.09
CA TYR A 134 15.89 -35.39 -17.70
C TYR A 134 17.20 -36.06 -17.28
N ALA A 135 17.74 -36.95 -18.12
CA ALA A 135 18.88 -37.78 -17.75
C ALA A 135 20.15 -36.95 -17.71
N SER A 136 20.63 -36.64 -16.51
CA SER A 136 21.87 -35.91 -16.33
C SER A 136 22.41 -36.15 -14.93
N ASP A 137 23.65 -36.61 -14.84
CA ASP A 137 24.32 -36.66 -13.55
C ASP A 137 24.65 -35.24 -13.11
N SER A 138 24.46 -34.97 -11.82
CA SER A 138 24.62 -33.62 -11.31
C SER A 138 25.26 -33.65 -9.92
N PRO A 139 26.12 -32.67 -9.63
CA PRO A 139 26.64 -32.53 -8.27
C PRO A 139 25.56 -32.00 -7.35
N PRO A 140 25.73 -32.11 -6.02
CA PRO A 140 24.70 -31.59 -5.11
C PRO A 140 24.63 -30.08 -5.13
N LEU A 141 23.40 -29.57 -5.03
CA LEU A 141 23.17 -28.14 -5.10
C LEU A 141 23.50 -27.46 -3.77
N THR A 142 24.26 -26.38 -3.84
CA THR A 142 24.59 -25.58 -2.68
C THR A 142 23.79 -24.29 -2.73
N HIS A 143 23.18 -23.94 -1.60
CA HIS A 143 22.29 -22.79 -1.50
C HIS A 143 22.91 -21.74 -0.59
N GLN A 144 22.63 -20.48 -0.89
CA GLN A 144 23.12 -19.37 -0.07
C GLN A 144 21.96 -18.47 0.31
N VAL A 145 21.91 -18.10 1.59
CA VAL A 145 20.90 -17.20 2.12
C VAL A 145 21.64 -16.07 2.81
N MET A 146 21.71 -14.91 2.18
CA MET A 146 22.43 -13.77 2.73
C MET A 146 21.45 -12.81 3.39
N TYR A 147 21.81 -12.31 4.56
CA TYR A 147 21.01 -11.32 5.28
C TYR A 147 21.63 -9.95 5.09
N VAL A 148 20.85 -9.02 4.56
CA VAL A 148 21.31 -7.66 4.32
C VAL A 148 20.71 -6.76 5.40
N PRO A 149 21.53 -6.12 6.24
CA PRO A 149 21.01 -5.20 7.26
C PRO A 149 20.42 -3.96 6.63
N PRO A 150 19.61 -3.17 7.38
CA PRO A 150 18.99 -1.98 6.80
C PRO A 150 19.99 -0.90 6.39
N GLY A 151 20.09 -0.66 5.09
CA GLY A 151 20.95 0.35 4.53
C GLY A 151 22.13 -0.17 3.74
N GLY A 152 22.43 -1.46 3.85
CA GLY A 152 23.61 -2.01 3.22
C GLY A 152 23.50 -2.11 1.72
N PRO A 153 24.58 -2.50 1.06
CA PRO A 153 24.54 -2.67 -0.40
C PRO A 153 23.90 -3.99 -0.78
N ILE A 154 23.12 -3.95 -1.85
CA ILE A 154 22.36 -5.12 -2.31
C ILE A 154 23.08 -5.73 -3.51
N PRO A 155 22.91 -7.02 -3.80
CA PRO A 155 23.34 -7.56 -5.09
C PRO A 155 22.46 -7.02 -6.20
N LYS A 156 23.06 -6.30 -7.14
CA LYS A 156 22.26 -5.73 -8.22
C LYS A 156 21.84 -6.78 -9.25
N SER A 157 22.51 -7.92 -9.28
CA SER A 157 22.16 -9.02 -10.17
C SER A 157 22.75 -10.30 -9.59
N TYR A 158 22.64 -11.39 -10.35
CA TYR A 158 23.41 -12.59 -10.07
C TYR A 158 24.88 -12.30 -10.35
N GLU A 159 25.77 -13.11 -9.76
CA GLU A 159 27.23 -13.08 -9.85
C GLU A 159 27.86 -11.74 -9.47
N ASP A 160 27.12 -10.85 -8.81
CA ASP A 160 27.67 -9.63 -8.25
C ASP A 160 28.62 -9.98 -7.10
N PHE A 161 29.49 -9.04 -6.77
CA PHE A 161 30.42 -9.28 -5.67
C PHE A 161 29.84 -8.95 -4.30
N ALA A 162 28.54 -8.66 -4.22
CA ALA A 162 27.91 -8.53 -2.91
C ALA A 162 27.72 -9.87 -2.22
N TRP A 163 27.76 -10.97 -2.97
CA TRP A 163 27.78 -12.29 -2.36
C TRP A 163 29.17 -12.68 -1.88
N GLN A 164 30.21 -11.97 -2.33
CA GLN A 164 31.57 -12.15 -1.82
C GLN A 164 31.97 -11.01 -0.88
N THR A 165 31.03 -10.57 -0.05
CA THR A 165 31.27 -9.48 0.89
C THR A 165 31.96 -10.01 2.14
N SER A 166 32.19 -9.13 3.12
CA SER A 166 32.85 -9.52 4.35
C SER A 166 32.05 -9.23 5.60
N THR A 167 30.89 -8.57 5.50
CA THR A 167 30.13 -8.19 6.67
C THR A 167 28.76 -8.84 6.74
N ASN A 168 28.02 -8.89 5.64
CA ASN A 168 26.69 -9.49 5.59
C ASN A 168 26.75 -10.99 5.86
N PRO A 169 26.11 -11.50 6.90
CA PRO A 169 26.19 -12.93 7.19
C PRO A 169 25.40 -13.76 6.20
N SER A 170 25.93 -14.94 5.87
CA SER A 170 25.35 -15.81 4.88
C SER A 170 25.42 -17.25 5.38
N VAL A 171 24.45 -18.06 4.98
CA VAL A 171 24.35 -19.44 5.40
C VAL A 171 24.45 -20.32 4.16
N PHE A 172 25.51 -21.12 4.07
CA PHE A 172 25.71 -22.04 2.97
C PHE A 172 25.22 -23.42 3.40
N TRP A 173 24.59 -24.14 2.46
CA TRP A 173 23.91 -25.38 2.81
C TRP A 173 23.70 -26.20 1.55
N THR A 174 24.21 -27.43 1.54
CA THR A 174 23.95 -28.37 0.45
C THR A 174 22.69 -29.16 0.74
N GLU A 175 22.08 -29.68 -0.34
CA GLU A 175 20.79 -30.36 -0.21
C GLU A 175 20.99 -31.79 0.26
N GLY A 176 20.35 -32.12 1.38
CA GLY A 176 20.41 -33.47 1.89
C GLY A 176 20.61 -33.55 3.39
N ASN A 177 21.06 -32.45 3.99
CA ASN A 177 21.41 -32.40 5.40
C ASN A 177 20.23 -31.86 6.21
N ALA A 178 20.50 -31.58 7.48
CA ALA A 178 19.52 -30.96 8.35
C ALA A 178 19.29 -29.51 7.93
N PRO A 179 18.10 -28.96 8.20
CA PRO A 179 17.80 -27.58 7.79
C PRO A 179 18.67 -26.56 8.49
N PRO A 180 19.02 -25.46 7.81
CA PRO A 180 19.95 -24.48 8.39
C PRO A 180 19.22 -23.51 9.31
N ARG A 181 19.53 -23.57 10.60
CA ARG A 181 18.85 -22.79 11.62
C ARG A 181 19.79 -21.76 12.22
N MET A 182 19.34 -20.51 12.28
CA MET A 182 20.13 -19.43 12.87
C MET A 182 19.21 -18.53 13.68
N SER A 183 19.81 -17.74 14.58
CA SER A 183 19.07 -16.89 15.48
C SER A 183 19.52 -15.45 15.33
N ILE A 184 18.57 -14.52 15.47
CA ILE A 184 18.88 -13.10 15.47
C ILE A 184 18.34 -12.48 16.76
N PRO A 185 18.99 -11.47 17.31
CA PRO A 185 18.47 -10.83 18.53
C PRO A 185 17.36 -9.82 18.25
N PHE A 186 16.97 -9.10 19.29
CA PHE A 186 15.93 -8.09 19.19
C PHE A 186 16.41 -6.89 18.40
N MET A 187 16.14 -6.89 17.10
CA MET A 187 16.54 -5.82 16.21
C MET A 187 15.50 -4.72 16.26
N SER A 188 15.80 -3.63 16.96
CA SER A 188 14.94 -2.46 16.95
C SER A 188 15.77 -1.24 17.30
N VAL A 189 15.15 -0.08 17.14
CA VAL A 189 15.72 1.17 17.63
C VAL A 189 14.90 1.79 18.75
N GLY A 190 13.63 1.42 18.91
CA GLY A 190 12.87 1.79 20.07
C GLY A 190 13.12 0.82 21.20
N ASN A 191 12.11 0.57 22.03
CA ASN A 191 12.24 -0.40 23.12
C ASN A 191 11.23 -1.53 23.02
N ALA A 192 10.42 -1.57 21.96
CA ALA A 192 9.48 -2.65 21.73
C ALA A 192 9.09 -2.66 20.27
N TYR A 193 8.57 -3.79 19.82
CA TYR A 193 8.09 -3.94 18.44
C TYR A 193 6.66 -3.41 18.38
N CYS A 194 6.47 -2.29 17.70
CA CYS A 194 5.12 -1.74 17.54
C CYS A 194 4.41 -2.55 16.47
N ASN A 195 3.46 -3.38 16.90
CA ASN A 195 2.58 -4.04 15.94
C ASN A 195 1.61 -3.05 15.32
N PHE A 196 1.14 -2.09 16.10
CA PHE A 196 0.19 -1.08 15.65
C PHE A 196 0.75 0.29 15.99
N TYR A 197 0.93 1.12 14.96
CA TYR A 197 1.42 2.49 15.13
C TYR A 197 0.41 3.42 14.47
N ASP A 198 -0.34 4.14 15.30
CA ASP A 198 -1.40 5.03 14.82
C ASP A 198 -0.80 6.42 14.63
N GLY A 199 -0.26 6.64 13.45
CA GLY A 199 0.32 7.93 13.15
C GLY A 199 0.84 7.97 11.74
N TRP A 200 1.72 8.93 11.50
CA TRP A 200 2.25 9.19 10.17
C TRP A 200 3.77 9.02 10.19
N SER A 201 4.39 9.28 9.04
CA SER A 201 5.82 9.20 8.90
C SER A 201 6.48 10.57 8.89
N HIS A 202 5.82 11.56 8.30
CA HIS A 202 6.33 12.92 8.29
C HIS A 202 5.64 13.73 9.38
N PHE A 203 6.32 14.79 9.81
CA PHE A 203 5.81 15.65 10.87
C PHE A 203 4.63 16.49 10.42
N SER A 204 4.44 16.65 9.12
CA SER A 204 3.33 17.41 8.55
C SER A 204 2.02 16.63 8.51
N GLN A 205 1.98 15.44 9.12
CA GLN A 205 0.90 14.46 9.00
C GLN A 205 0.62 14.15 7.53
N SER A 206 1.62 13.56 6.87
CA SER A 206 1.50 13.20 5.47
C SER A 206 2.39 12.00 5.19
N GLY A 207 2.34 11.55 3.93
CA GLY A 207 3.21 10.52 3.42
C GLY A 207 2.74 9.08 3.55
N VAL A 208 2.83 8.48 4.74
CA VAL A 208 2.54 7.05 4.92
C VAL A 208 1.83 6.88 6.26
N TYR A 209 0.63 6.31 6.21
CA TYR A 209 -0.12 5.94 7.40
C TYR A 209 0.08 4.46 7.68
N GLY A 210 0.33 4.12 8.93
CA GLY A 210 0.36 2.73 9.30
C GLY A 210 1.62 2.38 10.05
N TYR A 211 1.79 1.09 10.31
CA TYR A 211 2.92 0.56 11.04
C TYR A 211 4.16 0.38 10.19
N THR A 212 4.04 0.55 8.87
CA THR A 212 5.12 0.25 7.94
C THR A 212 6.31 1.19 8.04
N THR A 213 6.16 2.32 8.73
CA THR A 213 7.30 3.19 8.96
C THR A 213 8.25 2.58 9.98
N LEU A 214 7.71 1.90 10.98
CA LEU A 214 8.53 1.26 12.01
C LEU A 214 8.81 -0.20 11.68
N ASN A 215 9.30 -0.46 10.47
CA ASN A 215 9.63 -1.83 10.07
C ASN A 215 10.83 -1.74 9.12
N ASN A 216 12.02 -1.89 9.68
CA ASN A 216 13.27 -1.85 8.93
C ASN A 216 14.14 -3.04 9.30
N MET A 217 13.55 -4.23 9.30
CA MET A 217 14.26 -5.43 9.73
C MET A 217 15.31 -5.90 8.74
N GLY A 218 15.33 -5.38 7.51
CA GLY A 218 16.38 -5.66 6.57
C GLY A 218 15.85 -6.36 5.33
N HIS A 219 16.57 -7.39 4.90
CA HIS A 219 16.21 -8.15 3.70
C HIS A 219 16.75 -9.56 3.85
N LEU A 220 16.52 -10.38 2.82
CA LEU A 220 16.97 -11.77 2.81
C LEU A 220 17.10 -12.20 1.36
N TYR A 221 18.31 -12.57 0.94
CA TYR A 221 18.60 -12.84 -0.46
C TYR A 221 18.96 -14.30 -0.65
N PHE A 222 18.29 -14.95 -1.61
CA PHE A 222 18.46 -16.38 -1.88
C PHE A 222 19.05 -16.56 -3.27
N ARG A 223 20.00 -17.47 -3.40
CA ARG A 223 20.54 -17.83 -4.72
C ARG A 223 21.13 -19.23 -4.66
N HIS A 224 21.36 -19.79 -5.85
CA HIS A 224 22.10 -21.04 -6.00
C HIS A 224 23.58 -20.72 -6.13
N VAL A 225 24.41 -21.38 -5.31
CA VAL A 225 25.85 -21.13 -5.37
C VAL A 225 26.45 -21.71 -6.65
N ASN A 226 25.98 -22.90 -7.06
CA ASN A 226 26.52 -23.61 -8.21
C ASN A 226 26.34 -22.80 -9.49
N LYS A 227 27.27 -22.99 -10.43
CA LYS A 227 27.36 -22.11 -11.59
C LYS A 227 26.22 -22.36 -12.56
N SER A 228 26.05 -23.61 -12.99
CA SER A 228 24.97 -23.96 -13.90
C SER A 228 24.70 -25.45 -13.77
N THR A 229 23.45 -25.82 -14.04
CA THR A 229 23.07 -27.22 -14.15
C THR A 229 22.80 -27.55 -15.62
N ALA A 230 22.80 -28.84 -15.92
CA ALA A 230 22.56 -29.26 -17.30
C ALA A 230 21.11 -29.08 -17.68
N TYR A 231 20.20 -29.18 -16.71
CA TYR A 231 18.77 -29.00 -16.92
C TYR A 231 18.24 -28.17 -15.77
N PRO A 232 17.30 -27.25 -16.04
CA PRO A 232 16.91 -26.25 -15.03
C PRO A 232 16.18 -26.85 -13.84
N VAL A 233 16.44 -26.27 -12.67
CA VAL A 233 15.89 -26.74 -11.40
C VAL A 233 15.28 -25.55 -10.68
N ASN A 234 14.00 -25.66 -10.34
CA ASN A 234 13.31 -24.62 -9.58
C ASN A 234 13.32 -24.98 -8.11
N SER A 235 13.82 -24.06 -7.28
CA SER A 235 13.93 -24.28 -5.84
C SER A 235 12.91 -23.44 -5.09
N VAL A 236 12.59 -23.88 -3.88
CA VAL A 236 11.62 -23.23 -3.02
C VAL A 236 12.19 -23.17 -1.61
N ALA A 237 12.30 -21.98 -1.05
CA ALA A 237 12.83 -21.79 0.30
C ALA A 237 11.72 -21.24 1.19
N ARG A 238 11.47 -21.91 2.31
CA ARG A 238 10.39 -21.54 3.22
C ARG A 238 10.99 -21.05 4.53
N VAL A 239 10.64 -19.83 4.92
CA VAL A 239 11.22 -19.20 6.10
C VAL A 239 10.32 -19.46 7.30
N TYR A 240 10.89 -20.04 8.36
CA TYR A 240 10.14 -20.45 9.55
C TYR A 240 10.61 -19.64 10.75
N PHE A 241 9.85 -18.62 11.13
CA PHE A 241 10.15 -17.82 12.31
C PHE A 241 9.65 -18.52 13.57
N LYS A 242 10.41 -18.37 14.65
CA LYS A 242 10.02 -18.92 15.96
C LYS A 242 10.35 -17.88 17.02
N PRO A 243 9.37 -17.14 17.51
CA PRO A 243 9.64 -16.09 18.50
C PRO A 243 9.94 -16.66 19.89
N LYS A 244 11.15 -16.43 20.38
CA LYS A 244 11.54 -16.87 21.71
C LYS A 244 11.92 -15.68 22.58
N HIS A 245 11.91 -15.91 23.89
CA HIS A 245 12.15 -14.90 24.93
C HIS A 245 11.19 -13.71 24.76
N VAL A 246 9.91 -14.00 24.85
CA VAL A 246 8.86 -13.07 24.44
C VAL A 246 8.41 -12.25 25.63
N LYS A 247 8.27 -10.94 25.43
CA LYS A 247 7.59 -10.07 26.37
C LYS A 247 6.56 -9.28 25.60
N ALA A 248 5.29 -9.39 25.99
CA ALA A 248 4.18 -8.79 25.26
C ALA A 248 3.40 -7.89 26.21
N TRP A 249 3.23 -6.63 25.85
CA TRP A 249 2.74 -5.70 26.86
C TRP A 249 1.24 -5.44 26.84
N VAL A 250 0.71 -4.74 25.85
CA VAL A 250 -0.66 -4.25 25.90
C VAL A 250 -1.55 -5.23 25.14
N PRO A 251 -2.51 -5.88 25.79
CA PRO A 251 -3.37 -6.83 25.09
C PRO A 251 -4.37 -6.13 24.19
N ARG A 252 -4.74 -6.82 23.12
CA ARG A 252 -5.54 -6.24 22.05
C ARG A 252 -6.66 -7.21 21.71
N ALA A 253 -7.78 -6.67 21.27
CA ALA A 253 -8.91 -7.51 20.89
C ALA A 253 -8.62 -8.20 19.56
N PRO A 254 -8.98 -9.48 19.42
CA PRO A 254 -8.53 -10.25 18.26
C PRO A 254 -9.31 -9.95 17.00
N ARG A 255 -8.61 -10.08 15.88
CA ARG A 255 -9.12 -9.68 14.57
C ARG A 255 -10.31 -10.55 14.15
N LEU A 256 -11.35 -9.90 13.65
CA LEU A 256 -12.57 -10.59 13.23
C LEU A 256 -12.55 -10.90 11.73
N CYS A 257 -12.45 -9.87 10.90
CA CYS A 257 -12.51 -10.04 9.45
C CYS A 257 -11.12 -10.27 8.87
N PRO A 258 -10.99 -11.15 7.88
CA PRO A 258 -9.67 -11.52 7.37
C PRO A 258 -8.99 -10.38 6.61
N TYR A 259 -7.66 -10.43 6.63
CA TYR A 259 -6.80 -9.38 6.12
C TYR A 259 -6.88 -9.28 4.60
N LEU A 260 -6.44 -8.16 4.08
CA LEU A 260 -6.44 -7.94 2.64
C LEU A 260 -5.08 -7.62 2.07
N LYS A 261 -4.29 -6.80 2.76
CA LYS A 261 -2.98 -6.41 2.27
C LYS A 261 -1.95 -6.56 3.38
N ALA A 262 -0.68 -6.54 3.00
CA ALA A 262 0.41 -6.82 3.91
C ALA A 262 1.05 -5.55 4.46
N ARG A 263 0.40 -4.41 4.28
CA ARG A 263 0.97 -3.14 4.72
C ARG A 263 -0.02 -2.24 5.46
N ASN A 264 -1.29 -2.62 5.55
CA ASN A 264 -2.28 -1.80 6.23
C ASN A 264 -3.38 -2.69 6.79
N VAL A 265 -4.27 -2.07 7.57
CA VAL A 265 -5.26 -2.80 8.35
C VAL A 265 -6.60 -2.57 7.66
N ASN A 266 -6.56 -2.38 6.34
CA ASN A 266 -7.78 -2.21 5.58
C ASN A 266 -8.58 -3.51 5.55
N PHE A 267 -9.90 -3.39 5.62
CA PHE A 267 -10.75 -4.54 5.82
C PHE A 267 -12.10 -4.29 5.17
N ASN A 268 -12.89 -5.37 5.06
CA ASN A 268 -14.27 -5.30 4.64
C ASN A 268 -15.17 -5.46 5.84
N VAL A 269 -16.39 -4.92 5.75
CA VAL A 269 -17.33 -4.98 6.84
C VAL A 269 -17.90 -6.39 6.95
N GLN A 270 -17.84 -6.96 8.15
CA GLN A 270 -18.41 -8.28 8.41
C GLN A 270 -19.29 -8.19 9.65
N GLY A 271 -20.33 -9.02 9.69
CA GLY A 271 -21.14 -9.14 10.89
C GLY A 271 -20.37 -9.74 12.04
N VAL A 272 -20.87 -9.47 13.26
CA VAL A 272 -20.09 -9.77 14.46
C VAL A 272 -20.05 -11.25 14.76
N THR A 273 -21.05 -12.02 14.32
CA THR A 273 -21.08 -13.46 14.54
C THR A 273 -22.00 -14.09 13.51
N GLU A 274 -22.00 -15.42 13.47
CA GLU A 274 -22.95 -16.13 12.63
C GLU A 274 -24.33 -16.08 13.26
N SER A 275 -25.35 -16.31 12.44
CA SER A 275 -26.71 -16.14 12.90
C SER A 275 -27.30 -17.45 13.40
N ARG A 276 -28.54 -17.37 13.87
CA ARG A 276 -29.34 -18.55 14.18
C ARG A 276 -30.79 -18.24 13.87
N ASN A 277 -31.68 -19.17 14.24
CA ASN A 277 -33.07 -19.07 13.81
C ASN A 277 -33.88 -18.16 14.72
N LYS A 278 -33.92 -18.47 16.01
CA LYS A 278 -34.68 -17.72 16.98
C LYS A 278 -33.83 -17.51 18.22
N ILE A 279 -34.22 -16.53 19.04
CA ILE A 279 -33.40 -16.17 20.19
C ILE A 279 -33.59 -17.16 21.34
N THR A 280 -34.81 -17.65 21.54
CA THR A 280 -35.12 -18.55 22.65
C THR A 280 -35.19 -19.98 22.12
N LEU A 281 -34.29 -20.84 22.58
CA LEU A 281 -34.32 -22.23 22.17
C LEU A 281 -35.42 -22.96 22.92
N ASP A 282 -35.98 -24.00 22.31
CA ASP A 282 -37.15 -24.65 22.88
C ASP A 282 -37.27 -26.10 22.43
N ARG A 283 -37.50 -26.98 23.41
CA ARG A 283 -37.88 -28.38 23.33
C ARG A 283 -38.10 -28.83 24.77
N SER A 284 -38.80 -29.94 24.96
CA SER A 284 -39.03 -30.48 26.29
C SER A 284 -37.90 -31.42 26.70
N TYR B 27 16.71 -31.78 30.90
CA TYR B 27 16.83 -30.54 31.66
C TYR B 27 18.26 -30.33 32.17
N THR B 28 19.23 -30.56 31.28
CA THR B 28 20.63 -30.40 31.68
C THR B 28 21.00 -28.94 31.84
N ASN B 29 20.39 -28.05 31.05
CA ASN B 29 20.46 -26.59 31.18
C ASN B 29 21.90 -26.07 31.08
N ILE B 30 22.58 -26.53 30.04
CA ILE B 30 23.90 -26.03 29.72
C ILE B 30 23.79 -25.10 28.52
N ASN B 31 24.70 -24.15 28.44
CA ASN B 31 24.67 -23.12 27.40
C ASN B 31 25.96 -23.23 26.60
N TYR B 32 25.83 -23.61 25.33
CA TYR B 32 27.02 -23.79 24.51
C TYR B 32 27.53 -22.47 23.95
N TYR B 33 26.64 -21.53 23.65
CA TYR B 33 26.98 -20.32 22.93
C TYR B 33 27.07 -19.14 23.89
N LYS B 34 27.69 -18.06 23.41
CA LYS B 34 28.01 -16.91 24.25
C LYS B 34 26.93 -15.85 24.26
N ASP B 35 25.93 -15.95 23.40
CA ASP B 35 24.92 -14.91 23.26
C ASP B 35 23.67 -15.27 24.04
N SER B 36 22.91 -14.23 24.40
CA SER B 36 21.63 -14.47 25.09
C SER B 36 20.54 -14.85 24.11
N ALA B 37 20.58 -14.31 22.90
CA ALA B 37 19.58 -14.61 21.89
C ALA B 37 19.80 -15.95 21.21
N SER B 38 20.88 -16.64 21.53
CA SER B 38 21.14 -17.97 21.02
C SER B 38 20.68 -19.06 21.95
N ASN B 39 20.04 -18.70 23.06
CA ASN B 39 19.63 -19.64 24.08
C ASN B 39 18.40 -20.43 23.63
N SER B 40 17.90 -21.25 24.54
CA SER B 40 16.68 -22.01 24.31
C SER B 40 15.48 -21.17 24.74
N LEU B 41 14.30 -21.77 24.74
CA LEU B 41 13.12 -21.08 25.28
C LEU B 41 13.20 -21.04 26.80
N ASN B 42 12.44 -20.11 27.38
CA ASN B 42 12.39 -19.95 28.83
C ASN B 42 11.20 -20.75 29.35
N ARG B 43 11.51 -21.91 29.93
CA ARG B 43 10.48 -22.79 30.47
C ARG B 43 10.90 -23.32 31.83
N ARG B 81 -22.43 13.64 45.35
CA ARG B 81 -21.90 14.08 46.64
C ARG B 81 -20.87 15.19 46.46
N VAL B 82 -19.72 15.02 47.11
CA VAL B 82 -18.77 16.11 47.28
C VAL B 82 -17.39 15.77 46.72
N ARG B 83 -17.17 14.55 46.26
CA ARG B 83 -15.84 14.15 45.80
C ARG B 83 -15.54 14.84 44.48
N SER B 84 -14.76 15.91 44.56
CA SER B 84 -14.37 16.74 43.43
C SER B 84 -12.90 16.53 43.13
N ILE B 85 -12.48 17.04 41.98
CA ILE B 85 -11.08 16.99 41.57
C ILE B 85 -10.68 18.41 41.19
N THR B 86 -9.69 18.95 41.89
CA THR B 86 -9.25 20.32 41.72
C THR B 86 -7.89 20.32 41.04
N LEU B 87 -7.88 20.35 39.72
CA LEU B 87 -6.66 20.36 38.93
C LEU B 87 -6.45 21.78 38.42
N GLY B 88 -5.46 22.47 38.99
CA GLY B 88 -5.20 23.84 38.58
C GLY B 88 -6.26 24.78 39.14
N ASN B 89 -6.67 25.75 38.33
CA ASN B 89 -7.80 26.61 38.68
C ASN B 89 -9.07 26.07 38.03
N SER B 90 -9.39 24.82 38.34
CA SER B 90 -10.47 24.12 37.66
C SER B 90 -10.95 22.97 38.53
N THR B 91 -12.26 22.79 38.58
CA THR B 91 -12.87 21.81 39.48
C THR B 91 -14.03 21.15 38.77
N ILE B 92 -14.02 19.83 38.68
CA ILE B 92 -15.17 19.08 38.21
C ILE B 92 -15.89 18.50 39.40
N THR B 93 -17.19 18.26 39.23
CA THR B 93 -18.06 17.87 40.34
C THR B 93 -19.29 17.21 39.74
N THR B 94 -19.60 15.99 40.17
CA THR B 94 -18.78 15.16 41.05
C THR B 94 -18.92 13.73 40.59
N GLN B 95 -18.32 12.83 41.35
CA GLN B 95 -18.72 11.43 41.35
C GLN B 95 -19.41 11.17 42.68
N GLU B 96 -20.58 10.55 42.62
CA GLU B 96 -21.38 10.30 43.82
C GLU B 96 -20.84 9.10 44.62
N CYS B 97 -19.57 9.21 45.03
CA CYS B 97 -18.76 8.13 45.59
C CYS B 97 -18.82 6.86 44.74
N ALA B 98 -18.79 7.03 43.42
CA ALA B 98 -19.00 5.88 42.54
C ALA B 98 -17.71 5.10 42.28
N ASN B 99 -16.82 5.66 41.45
CA ASN B 99 -15.65 4.95 40.93
C ASN B 99 -14.77 5.87 40.10
N VAL B 100 -13.47 5.61 40.08
CA VAL B 100 -12.53 6.28 39.17
C VAL B 100 -11.66 5.18 38.58
N VAL B 101 -11.84 4.90 37.29
CA VAL B 101 -11.03 3.91 36.59
C VAL B 101 -9.69 4.55 36.27
N VAL B 102 -8.61 3.91 36.69
CA VAL B 102 -7.26 4.37 36.38
C VAL B 102 -6.57 3.33 35.52
N GLY B 103 -6.34 3.70 34.25
CA GLY B 103 -5.45 3.08 33.28
C GLY B 103 -5.31 1.58 33.26
N TYR B 104 -4.09 1.09 33.12
CA TYR B 104 -3.79 -0.31 33.39
C TYR B 104 -3.28 -0.49 34.80
N GLY B 105 -3.99 0.08 35.77
CA GLY B 105 -3.54 0.08 37.14
C GLY B 105 -2.37 0.99 37.44
N VAL B 106 -2.01 1.89 36.54
CA VAL B 106 -0.80 2.70 36.66
C VAL B 106 -1.20 4.16 36.69
N TRP B 107 -0.74 4.89 37.70
CA TRP B 107 -0.99 6.31 37.76
C TRP B 107 0.00 7.05 36.85
N PRO B 108 -0.42 8.15 36.22
CA PRO B 108 0.50 8.92 35.37
C PRO B 108 1.61 9.59 36.19
N THR B 109 2.86 9.29 35.84
CA THR B 109 4.01 9.84 36.54
C THR B 109 4.93 10.56 35.58
N TYR B 110 6.08 11.01 36.06
CA TYR B 110 7.05 11.73 35.25
C TYR B 110 8.03 10.74 34.63
N LEU B 111 9.09 11.27 34.02
CA LEU B 111 10.12 10.43 33.44
C LEU B 111 11.23 10.21 34.47
N SER B 112 11.73 8.98 34.53
CA SER B 112 12.81 8.63 35.43
C SER B 112 14.14 8.80 34.71
N ASP B 113 15.22 8.31 35.32
CA ASP B 113 16.54 8.43 34.73
C ASP B 113 17.03 7.15 34.06
N HIS B 114 16.38 6.01 34.31
CA HIS B 114 16.62 4.85 33.47
C HIS B 114 16.09 5.08 32.07
N GLU B 115 14.99 5.81 31.97
CA GLU B 115 14.45 6.36 30.73
C GLU B 115 15.16 7.66 30.40
N ALA B 116 14.51 8.50 29.57
CA ALA B 116 14.97 9.84 29.18
C ALA B 116 16.30 9.77 28.42
N THR B 117 16.20 9.22 27.21
CA THR B 117 17.31 9.22 26.27
C THR B 117 17.71 10.63 25.82
N ALA B 118 16.84 11.62 25.98
CA ALA B 118 17.18 12.99 25.62
C ALA B 118 18.08 13.61 26.68
N VAL B 119 18.89 14.57 26.25
CA VAL B 119 19.84 15.25 27.12
C VAL B 119 19.37 16.65 27.51
N ASP B 120 18.45 17.24 26.76
CA ASP B 120 17.94 18.56 27.10
C ASP B 120 17.07 18.49 28.34
N GLN B 121 17.00 19.59 29.08
CA GLN B 121 16.26 19.58 30.33
C GLN B 121 14.76 19.73 30.06
N PRO B 122 13.92 18.95 30.74
CA PRO B 122 12.49 18.96 30.43
C PRO B 122 11.80 20.22 30.92
N THR B 123 10.68 20.53 30.28
CA THR B 123 9.87 21.70 30.62
C THR B 123 8.55 21.22 31.21
N GLN B 124 8.33 21.51 32.48
CA GLN B 124 7.13 21.05 33.21
C GLN B 124 6.39 22.25 33.77
N PRO B 125 5.28 22.68 33.16
CA PRO B 125 4.62 23.91 33.65
C PRO B 125 3.72 23.71 34.86
N ASP B 126 3.05 22.56 34.96
CA ASP B 126 2.37 21.98 36.11
C ASP B 126 1.06 22.72 36.49
N VAL B 127 0.82 23.94 36.02
CA VAL B 127 -0.41 24.64 36.34
C VAL B 127 -1.04 25.11 35.04
N ALA B 128 -0.22 25.70 34.17
CA ALA B 128 -0.71 26.33 32.95
C ALA B 128 -1.25 25.30 31.96
N THR B 129 -0.69 24.10 31.97
CA THR B 129 -1.05 23.08 30.99
C THR B 129 -1.85 21.93 31.57
N CYS B 130 -1.88 21.79 32.89
CA CYS B 130 -2.44 20.60 33.52
C CYS B 130 -3.76 20.86 34.23
N ARG B 131 -4.63 21.68 33.65
CA ARG B 131 -5.96 21.95 34.18
C ARG B 131 -7.02 21.32 33.28
N PHE B 132 -8.27 21.43 33.70
CA PHE B 132 -9.37 20.77 33.00
C PHE B 132 -9.78 21.57 31.77
N TYR B 133 -9.66 20.96 30.59
CA TYR B 133 -10.01 21.60 29.33
C TYR B 133 -11.31 20.98 28.82
N THR B 134 -12.36 21.79 28.78
CA THR B 134 -13.69 21.31 28.39
C THR B 134 -13.82 21.36 26.87
N LEU B 135 -13.98 20.19 26.26
CA LEU B 135 -14.13 20.07 24.81
C LEU B 135 -15.57 20.41 24.42
N GLU B 136 -15.91 20.12 23.17
CA GLU B 136 -17.21 20.48 22.63
C GLU B 136 -18.31 19.55 23.18
N SER B 137 -19.54 19.86 22.80
CA SER B 137 -20.71 19.10 23.22
C SER B 137 -21.36 18.48 22.00
N VAL B 138 -21.65 17.19 22.08
CA VAL B 138 -22.26 16.47 20.98
C VAL B 138 -23.68 16.07 21.38
N LYS B 139 -24.50 15.75 20.39
CA LYS B 139 -25.91 15.50 20.59
C LYS B 139 -26.21 14.01 20.48
N TRP B 140 -26.76 13.43 21.54
CA TRP B 140 -27.15 12.04 21.57
C TRP B 140 -28.57 11.92 21.03
N GLU B 141 -28.74 11.13 19.97
CA GLU B 141 -30.03 10.84 19.39
C GLU B 141 -30.29 9.35 19.44
N SER B 142 -31.44 8.92 18.92
CA SER B 142 -31.73 7.50 18.87
C SER B 142 -30.97 6.83 17.74
N SER B 143 -30.92 7.45 16.57
CA SER B 143 -30.14 6.94 15.46
C SER B 143 -28.74 7.56 15.43
N SER B 144 -28.02 7.44 16.54
CA SER B 144 -26.67 7.98 16.66
C SER B 144 -25.72 6.83 16.97
N ALA B 145 -24.67 6.70 16.17
CA ALA B 145 -23.83 5.51 16.18
C ALA B 145 -22.70 5.59 17.20
N GLY B 146 -21.95 6.70 17.20
CA GLY B 146 -20.84 6.84 18.11
C GLY B 146 -19.99 8.03 17.73
N TRP B 147 -18.91 8.21 18.49
CA TRP B 147 -17.96 9.29 18.25
C TRP B 147 -16.57 8.82 18.60
N TRP B 148 -15.56 9.49 18.04
CA TRP B 148 -14.19 9.25 18.47
C TRP B 148 -13.38 10.54 18.42
N TRP B 149 -12.55 10.74 19.45
CA TRP B 149 -11.60 11.83 19.53
C TRP B 149 -10.20 11.24 19.62
N LYS B 150 -9.27 11.72 18.79
CA LYS B 150 -7.91 11.24 18.79
C LYS B 150 -7.02 12.25 19.50
N PHE B 151 -6.26 11.79 20.51
CA PHE B 151 -5.44 12.60 21.39
C PHE B 151 -3.96 12.42 21.05
N PRO B 152 -3.11 13.45 21.23
CA PRO B 152 -3.39 14.82 21.67
C PRO B 152 -3.80 15.78 20.56
N GLU B 153 -4.37 15.26 19.48
CA GLU B 153 -4.88 16.14 18.42
C GLU B 153 -6.10 16.91 18.89
N ALA B 154 -6.90 16.34 19.79
CA ALA B 154 -8.09 17.03 20.27
C ALA B 154 -7.77 18.16 21.23
N LEU B 155 -6.58 18.15 21.83
CA LEU B 155 -6.13 19.19 22.74
C LEU B 155 -5.08 20.10 22.12
N SER B 156 -4.92 20.04 20.80
CA SER B 156 -3.83 20.70 20.12
C SER B 156 -3.95 22.22 20.04
N ASP B 157 -5.13 22.78 20.36
CA ASP B 157 -5.36 24.21 20.18
C ASP B 157 -5.82 24.89 21.45
N MET B 158 -5.83 24.19 22.59
CA MET B 158 -6.48 24.67 23.80
C MET B 158 -5.43 25.16 24.78
N GLY B 159 -5.43 26.47 25.04
CA GLY B 159 -4.67 27.05 26.13
C GLY B 159 -3.17 27.00 25.92
N LEU B 160 -2.44 26.97 27.02
CA LEU B 160 -0.98 26.86 26.98
C LEU B 160 -0.50 25.42 26.84
N PHE B 161 -1.42 24.47 26.71
CA PHE B 161 -1.01 23.10 26.38
C PHE B 161 -0.71 22.99 24.89
N GLY B 162 -1.60 23.49 24.04
CA GLY B 162 -1.37 23.47 22.62
C GLY B 162 -0.30 24.43 22.16
N GLN B 163 0.07 25.40 23.00
CA GLN B 163 1.16 26.30 22.66
C GLN B 163 2.52 25.72 22.98
N ASN B 164 2.60 24.84 23.96
CA ASN B 164 3.87 24.17 24.25
C ASN B 164 4.17 23.09 23.22
N MET B 165 3.16 22.56 22.55
CA MET B 165 3.38 21.53 21.54
C MET B 165 4.06 22.09 20.30
N GLN B 166 3.80 23.36 19.97
CA GLN B 166 4.37 23.93 18.76
C GLN B 166 5.85 24.22 18.89
N TYR B 167 6.33 24.50 20.09
CA TYR B 167 7.70 24.90 20.30
C TYR B 167 8.60 23.76 20.75
N HIS B 168 8.09 22.55 20.86
CA HIS B 168 8.85 21.46 21.44
C HIS B 168 8.76 20.22 20.57
N TYR B 169 9.89 19.54 20.40
CA TYR B 169 9.98 18.40 19.50
C TYR B 169 9.33 17.16 20.10
N LEU B 170 9.73 16.77 21.31
CA LEU B 170 9.19 15.61 21.99
C LEU B 170 8.13 16.04 23.01
N GLY B 171 7.36 15.07 23.47
CA GLY B 171 6.36 15.35 24.48
C GLY B 171 5.72 14.11 25.07
N ARG B 172 5.67 14.05 26.41
CA ARG B 172 5.15 12.90 27.13
C ARG B 172 4.12 13.39 28.13
N THR B 173 2.93 12.80 28.10
CA THR B 173 1.85 13.26 28.95
C THR B 173 0.85 12.15 29.21
N GLY B 174 0.20 12.20 30.36
CA GLY B 174 -0.97 11.38 30.64
C GLY B 174 -2.18 12.28 30.75
N TYR B 175 -3.37 11.68 30.79
CA TYR B 175 -4.59 12.44 30.75
C TYR B 175 -5.57 11.93 31.81
N THR B 176 -6.64 12.70 32.00
CA THR B 176 -7.81 12.22 32.73
C THR B 176 -9.06 12.66 31.99
N ILE B 177 -9.92 11.69 31.67
CA ILE B 177 -11.06 11.90 30.79
C ILE B 177 -12.31 11.84 31.63
N HIS B 178 -13.12 12.89 31.58
CA HIS B 178 -14.38 12.95 32.33
C HIS B 178 -15.52 13.19 31.36
N VAL B 179 -16.17 12.11 30.94
CA VAL B 179 -17.31 12.18 30.03
C VAL B 179 -18.58 12.29 30.86
N GLN B 180 -19.32 13.37 30.66
CA GLN B 180 -20.49 13.67 31.47
C GLN B 180 -21.72 13.78 30.59
N CYS B 181 -22.78 13.07 30.95
CA CYS B 181 -24.03 13.12 30.21
C CYS B 181 -25.15 12.81 31.19
N ASN B 182 -25.96 13.81 31.51
CA ASN B 182 -27.04 13.66 32.46
C ASN B 182 -28.38 13.49 31.75
N ALA B 183 -29.32 12.86 32.44
CA ALA B 183 -30.66 12.65 31.93
C ALA B 183 -31.61 12.64 33.11
N SER B 184 -32.82 12.16 32.90
CA SER B 184 -33.82 12.03 33.95
C SER B 184 -33.98 10.57 34.32
N LYS B 185 -34.94 10.29 35.20
CA LYS B 185 -35.27 8.91 35.53
C LYS B 185 -36.12 8.25 34.46
N PHE B 186 -36.71 9.04 33.56
CA PHE B 186 -37.60 8.53 32.53
C PHE B 186 -36.89 8.32 31.20
N HIS B 187 -35.61 8.67 31.12
CA HIS B 187 -34.77 8.33 29.98
C HIS B 187 -34.08 6.99 30.23
N GLN B 188 -33.75 6.31 29.14
CA GLN B 188 -33.07 5.03 29.23
C GLN B 188 -32.04 4.93 28.12
N GLY B 189 -30.94 4.24 28.40
CA GLY B 189 -29.83 4.17 27.48
C GLY B 189 -28.55 3.87 28.21
N CYS B 190 -27.56 3.45 27.43
CA CYS B 190 -26.29 3.00 27.99
C CYS B 190 -25.16 3.33 27.03
N LEU B 191 -24.16 4.04 27.51
CA LEU B 191 -23.00 4.40 26.70
C LEU B 191 -21.81 3.54 27.10
N LEU B 192 -20.85 3.44 26.19
CA LEU B 192 -19.58 2.77 26.46
C LEU B 192 -18.46 3.75 26.16
N VAL B 193 -17.71 4.11 27.18
CA VAL B 193 -16.63 5.09 27.07
C VAL B 193 -15.33 4.33 27.20
N VAL B 194 -14.59 4.20 26.09
CA VAL B 194 -13.42 3.35 26.04
C VAL B 194 -12.25 4.14 25.46
N CYS B 195 -11.05 3.91 26.01
CA CYS B 195 -9.84 4.61 25.63
C CYS B 195 -8.91 3.60 24.97
N VAL B 196 -8.72 3.71 23.66
CA VAL B 196 -8.05 2.69 22.87
C VAL B 196 -6.67 3.19 22.49
N PRO B 197 -5.60 2.57 22.97
CA PRO B 197 -4.25 2.93 22.50
C PRO B 197 -3.91 2.28 21.18
N GLU B 198 -3.31 3.10 20.30
CA GLU B 198 -2.77 2.71 18.99
C GLU B 198 -3.84 2.09 18.10
N ALA B 199 -4.88 2.87 17.82
CA ALA B 199 -6.00 2.39 17.01
C ALA B 199 -5.74 2.76 15.56
N GLU B 200 -4.93 1.92 14.90
CA GLU B 200 -4.68 2.07 13.48
C GLU B 200 -5.96 1.72 12.73
N MET B 201 -6.63 2.72 12.17
CA MET B 201 -7.91 2.52 11.54
C MET B 201 -7.77 2.13 10.08
N GLY B 202 -8.78 1.42 9.57
CA GLY B 202 -8.77 0.98 8.20
C GLY B 202 -9.52 1.95 7.30
N ALA B 203 -9.01 2.10 6.08
CA ALA B 203 -9.60 3.02 5.12
C ALA B 203 -10.95 2.50 4.63
N ALA B 204 -11.79 3.44 4.19
CA ALA B 204 -13.10 3.06 3.68
C ALA B 204 -12.99 2.39 2.32
N THR B 205 -12.44 3.09 1.34
CA THR B 205 -12.09 2.49 0.07
C THR B 205 -10.70 1.89 0.21
N THR B 206 -10.64 0.56 0.21
CA THR B 206 -9.37 -0.15 0.32
C THR B 206 -8.50 0.12 -0.91
N ASP B 207 -7.19 -0.12 -0.74
CA ASP B 207 -6.11 0.13 -1.70
C ASP B 207 -5.97 1.62 -2.06
N HIS B 208 -6.53 2.49 -1.23
CA HIS B 208 -6.49 3.93 -1.44
C HIS B 208 -6.07 4.60 -0.16
N ALA B 209 -5.12 5.52 -0.25
CA ALA B 209 -4.69 6.28 0.92
C ALA B 209 -5.77 7.25 1.35
N PHE B 210 -5.72 7.66 2.62
CA PHE B 210 -6.78 8.49 3.17
C PHE B 210 -6.21 9.59 4.05
N ASN B 211 -6.98 10.67 4.16
CA ASN B 211 -6.51 11.98 4.56
C ASN B 211 -6.35 12.07 6.07
N HIS B 212 -5.46 12.98 6.50
CA HIS B 212 -5.20 13.21 7.91
C HIS B 212 -6.27 14.05 8.60
N THR B 213 -7.18 14.65 7.83
CA THR B 213 -8.30 15.38 8.42
C THR B 213 -9.56 14.56 8.48
N LYS B 214 -9.55 13.34 7.96
CA LYS B 214 -10.63 12.40 8.16
C LYS B 214 -10.45 11.55 9.41
N LEU B 215 -9.21 11.35 9.84
CA LEU B 215 -8.95 10.62 11.07
C LEU B 215 -9.27 11.49 12.28
N SER B 216 -8.76 12.72 12.31
CA SER B 216 -9.03 13.62 13.41
C SER B 216 -8.84 15.06 12.94
N ASN B 217 -9.90 15.85 13.02
CA ASN B 217 -9.75 17.29 12.92
C ASN B 217 -9.25 17.82 14.27
N ILE B 218 -9.04 19.13 14.34
CA ILE B 218 -8.50 19.69 15.57
C ILE B 218 -9.64 19.85 16.57
N GLY B 219 -9.84 18.84 17.42
CA GLY B 219 -10.82 18.92 18.47
C GLY B 219 -12.25 18.64 18.06
N GLN B 220 -12.49 18.32 16.79
CA GLN B 220 -13.84 17.98 16.35
C GLN B 220 -14.11 16.51 16.62
N ALA B 221 -15.35 16.21 16.98
CA ALA B 221 -15.75 14.86 17.32
C ALA B 221 -16.12 14.13 16.05
N MET B 222 -15.21 13.30 15.55
CA MET B 222 -15.50 12.47 14.39
C MET B 222 -16.47 11.36 14.79
N GLU B 223 -17.46 11.11 13.95
CA GLU B 223 -18.56 10.24 14.31
C GLU B 223 -18.58 8.98 13.45
N PHE B 224 -19.09 7.91 14.02
CA PHE B 224 -19.25 6.64 13.32
C PHE B 224 -20.51 6.68 12.46
N SER B 225 -20.93 5.52 11.96
CA SER B 225 -22.13 5.44 11.16
C SER B 225 -22.81 4.10 11.41
N ALA B 226 -24.13 4.09 11.25
CA ALA B 226 -24.88 2.85 11.44
C ALA B 226 -24.62 1.88 10.30
N LYS B 227 -24.62 2.38 9.07
CA LYS B 227 -24.28 1.60 7.90
C LYS B 227 -22.76 1.60 7.71
N LYS B 228 -22.29 1.12 6.57
CA LYS B 228 -20.89 1.19 6.25
C LYS B 228 -20.59 2.46 5.45
N SER B 229 -19.31 2.77 5.31
CA SER B 229 -18.87 3.99 4.65
C SER B 229 -18.25 3.64 3.30
N THR B 230 -18.72 4.32 2.26
CA THR B 230 -18.20 4.15 0.90
C THR B 230 -17.35 5.33 0.46
N ASP B 231 -16.73 6.01 1.41
CA ASP B 231 -15.93 7.19 1.10
C ASP B 231 -14.64 6.80 0.39
N GLN B 232 -14.10 7.74 -0.38
CA GLN B 232 -12.88 7.47 -1.13
C GLN B 232 -11.64 7.97 -0.41
N THR B 233 -11.79 8.77 0.64
CA THR B 233 -10.62 9.35 1.30
C THR B 233 -10.74 9.35 2.82
N GLY B 234 -11.62 8.54 3.39
CA GLY B 234 -11.78 8.50 4.83
C GLY B 234 -11.69 7.10 5.38
N PRO B 235 -11.92 6.94 6.68
CA PRO B 235 -11.83 5.62 7.30
C PRO B 235 -13.17 4.89 7.27
N GLN B 236 -13.09 3.57 7.40
CA GLN B 236 -14.28 2.74 7.44
C GLN B 236 -14.96 2.94 8.79
N THR B 237 -16.10 3.64 8.78
CA THR B 237 -16.79 4.02 10.00
C THR B 237 -18.00 3.14 10.29
N ALA B 238 -17.90 1.84 10.02
CA ALA B 238 -18.92 0.92 10.48
C ALA B 238 -18.75 0.71 11.98
N VAL B 239 -19.79 1.01 12.75
CA VAL B 239 -19.62 1.10 14.20
C VAL B 239 -19.52 -0.28 14.85
N HIS B 240 -20.07 -1.32 14.23
CA HIS B 240 -19.94 -2.65 14.81
C HIS B 240 -18.58 -3.27 14.52
N ASN B 241 -17.82 -2.71 13.59
CA ASN B 241 -16.43 -3.09 13.42
C ASN B 241 -15.46 -2.14 14.10
N ALA B 242 -15.97 -1.02 14.62
CA ALA B 242 -15.24 -0.04 15.43
C ALA B 242 -14.03 0.56 14.72
N GLY B 243 -14.04 0.56 13.40
CA GLY B 243 -12.97 1.17 12.63
C GLY B 243 -11.65 0.41 12.60
N MET B 244 -11.54 -0.70 13.31
CA MET B 244 -10.30 -1.48 13.34
C MET B 244 -10.48 -2.89 12.82
N GLY B 245 -11.64 -3.21 12.24
CA GLY B 245 -11.90 -4.56 11.79
C GLY B 245 -12.10 -5.56 12.89
N VAL B 246 -12.48 -5.10 14.07
CA VAL B 246 -12.58 -5.94 15.26
C VAL B 246 -14.01 -5.89 15.76
N ALA B 247 -14.45 -6.95 16.42
CA ALA B 247 -15.80 -6.99 16.97
C ALA B 247 -15.94 -5.96 18.10
N VAL B 248 -16.98 -5.13 18.02
CA VAL B 248 -17.11 -4.00 18.93
C VAL B 248 -17.47 -4.45 20.34
N GLY B 249 -17.97 -5.67 20.50
CA GLY B 249 -18.20 -6.18 21.83
C GLY B 249 -16.94 -6.53 22.58
N ASN B 250 -15.83 -6.70 21.88
CA ASN B 250 -14.57 -7.10 22.49
C ASN B 250 -13.66 -5.92 22.77
N LEU B 251 -14.15 -4.69 22.71
CA LEU B 251 -13.36 -3.53 23.08
C LEU B 251 -13.32 -3.30 24.58
N THR B 252 -13.72 -4.28 25.39
CA THR B 252 -13.68 -4.16 26.84
C THR B 252 -12.38 -4.68 27.43
N ILE B 253 -11.29 -4.68 26.66
CA ILE B 253 -9.97 -4.89 27.22
C ILE B 253 -9.36 -3.57 27.66
N PHE B 254 -9.54 -2.55 26.82
CA PHE B 254 -9.01 -1.23 27.05
C PHE B 254 -9.69 -0.59 28.26
N PRO B 255 -9.05 0.40 28.89
CA PRO B 255 -9.66 1.07 30.06
C PRO B 255 -10.99 1.73 29.72
N HIS B 256 -12.04 1.21 30.33
CA HIS B 256 -13.40 1.57 29.93
C HIS B 256 -14.29 1.74 31.15
N GLN B 257 -15.43 2.37 30.92
CA GLN B 257 -16.45 2.56 31.95
C GLN B 257 -17.78 2.79 31.25
N TRP B 258 -18.84 2.19 31.77
CA TRP B 258 -20.15 2.36 31.20
C TRP B 258 -20.85 3.58 31.79
N ILE B 259 -21.78 4.13 31.02
CA ILE B 259 -22.68 5.18 31.50
C ILE B 259 -24.08 4.63 31.34
N ASN B 260 -24.59 3.99 32.38
CA ASN B 260 -25.98 3.54 32.40
C ASN B 260 -26.84 4.68 32.91
N LEU B 261 -27.78 5.14 32.10
CA LEU B 261 -28.53 6.36 32.37
C LEU B 261 -29.48 6.23 33.56
N ARG B 262 -29.69 5.03 34.09
CA ARG B 262 -30.48 4.88 35.30
C ARG B 262 -29.65 4.91 36.58
N THR B 263 -28.33 4.75 36.50
CA THR B 263 -27.54 4.75 37.72
C THR B 263 -26.20 5.50 37.68
N ASN B 264 -25.67 5.88 36.52
CA ASN B 264 -24.24 6.20 36.45
C ASN B 264 -23.94 7.68 36.32
N ASN B 265 -24.47 8.33 35.27
CA ASN B 265 -24.47 9.78 35.01
C ASN B 265 -23.10 10.35 34.59
N SER B 266 -22.02 9.57 34.69
CA SER B 266 -20.69 10.08 34.39
C SER B 266 -19.72 8.90 34.23
N ALA B 267 -18.52 9.23 33.77
CA ALA B 267 -17.44 8.26 33.64
C ALA B 267 -16.12 8.99 33.71
N THR B 268 -15.19 8.46 34.51
CA THR B 268 -13.90 9.10 34.74
C THR B 268 -12.79 8.09 34.53
N ILE B 269 -11.99 8.30 33.48
CA ILE B 269 -10.88 7.42 33.12
C ILE B 269 -9.60 8.21 33.26
N VAL B 270 -8.57 7.59 33.82
CA VAL B 270 -7.26 8.22 34.03
C VAL B 270 -6.24 7.36 33.30
N MET B 271 -5.73 7.84 32.17
CA MET B 271 -4.85 7.03 31.34
C MET B 271 -3.41 7.46 31.47
N PRO B 272 -2.46 6.54 31.64
CA PRO B 272 -1.05 6.91 31.66
C PRO B 272 -0.48 7.07 30.26
N TYR B 273 0.82 7.28 30.16
CA TYR B 273 1.50 7.38 28.86
C TYR B 273 1.89 5.98 28.43
N ILE B 274 1.25 5.47 27.39
CA ILE B 274 1.47 4.13 26.88
C ILE B 274 2.10 4.25 25.51
N ASN B 275 3.40 3.98 25.42
CA ASN B 275 4.12 4.05 24.16
C ASN B 275 5.40 3.24 24.28
N SER B 276 5.92 2.81 23.14
CA SER B 276 7.12 1.98 23.13
C SER B 276 8.39 2.80 23.36
N VAL B 277 8.35 4.10 23.12
CA VAL B 277 9.49 4.96 23.32
C VAL B 277 9.18 5.86 24.53
N PRO B 278 10.17 6.32 25.29
CA PRO B 278 9.86 7.12 26.48
C PRO B 278 9.30 8.50 26.15
N MET B 279 9.72 9.12 25.05
CA MET B 279 9.19 10.41 24.65
C MET B 279 9.06 10.43 23.15
N ASP B 280 7.94 10.93 22.64
CA ASP B 280 7.63 10.88 21.23
C ASP B 280 7.06 12.21 20.77
N ASN B 281 7.22 12.48 19.47
CA ASN B 281 6.66 13.67 18.86
C ASN B 281 5.15 13.57 18.83
N MET B 282 4.47 14.62 19.26
CA MET B 282 3.01 14.58 19.43
C MET B 282 2.28 15.28 18.28
N TYR B 283 2.97 15.52 17.17
CA TYR B 283 2.31 16.11 16.01
C TYR B 283 2.22 15.18 14.81
N ARG B 284 2.67 13.94 14.93
CA ARG B 284 2.54 12.98 13.85
C ARG B 284 2.09 11.62 14.36
N HIS B 285 1.82 11.49 15.65
CA HIS B 285 1.47 10.21 16.26
C HIS B 285 0.29 10.41 17.18
N TYR B 286 -0.80 9.70 16.91
CA TYR B 286 -1.95 9.67 17.80
C TYR B 286 -1.70 8.62 18.87
N ASN B 287 -1.55 9.07 20.12
CA ASN B 287 -1.23 8.15 21.21
C ASN B 287 -2.40 7.21 21.50
N PHE B 288 -3.58 7.76 21.73
CA PHE B 288 -4.76 6.94 21.92
C PHE B 288 -5.98 7.70 21.42
N THR B 289 -7.04 6.97 21.14
CA THR B 289 -8.32 7.54 20.78
C THR B 289 -9.33 7.25 21.88
N LEU B 290 -10.36 8.08 21.94
CA LEU B 290 -11.42 7.96 22.95
C LEU B 290 -12.73 7.73 22.20
N MET B 291 -13.31 6.56 22.36
CA MET B 291 -14.53 6.20 21.64
C MET B 291 -15.70 6.15 22.61
N VAL B 292 -16.77 6.86 22.26
CA VAL B 292 -18.02 6.82 23.01
C VAL B 292 -19.07 6.19 22.11
N ILE B 293 -19.43 4.95 22.40
CA ILE B 293 -20.36 4.18 21.57
C ILE B 293 -21.57 3.82 22.42
N PRO B 294 -22.78 4.23 22.04
CA PRO B 294 -23.98 3.77 22.76
C PRO B 294 -24.33 2.35 22.36
N PHE B 295 -24.44 1.46 23.35
CA PHE B 295 -24.87 0.11 23.07
C PHE B 295 -26.39 -0.04 23.21
N ALA B 296 -26.98 0.60 24.21
CA ALA B 296 -28.43 0.72 24.31
C ALA B 296 -28.81 2.14 23.90
N LYS B 297 -29.73 2.27 22.97
CA LYS B 297 -30.00 3.57 22.38
C LYS B 297 -30.89 4.41 23.28
N LEU B 298 -30.80 5.73 23.09
CA LEU B 298 -31.56 6.66 23.91
C LEU B 298 -33.02 6.65 23.52
N GLU B 299 -33.88 6.41 24.51
CA GLU B 299 -35.32 6.34 24.28
C GLU B 299 -36.05 7.09 25.38
N HIS B 300 -37.09 7.83 24.99
CA HIS B 300 -37.92 8.55 25.94
C HIS B 300 -39.30 8.73 25.31
N SER B 301 -40.21 9.29 26.10
CA SER B 301 -41.51 9.68 25.59
C SER B 301 -41.36 10.96 24.77
N PRO B 302 -42.29 11.23 23.85
CA PRO B 302 -42.20 12.49 23.08
C PRO B 302 -42.50 13.74 23.88
N GLN B 303 -42.98 13.63 25.11
CA GLN B 303 -43.20 14.79 25.96
C GLN B 303 -41.97 15.15 26.80
N ALA B 304 -41.00 14.25 26.92
CA ALA B 304 -39.80 14.51 27.70
C ALA B 304 -38.87 15.46 26.96
N SER B 305 -37.78 15.84 27.61
CA SER B 305 -36.78 16.71 27.00
C SER B 305 -35.99 15.91 25.97
N THR B 306 -36.02 16.36 24.71
CA THR B 306 -35.47 15.59 23.62
C THR B 306 -33.98 15.80 23.42
N TYR B 307 -33.43 16.93 23.86
CA TYR B 307 -32.03 17.26 23.65
C TYR B 307 -31.21 16.77 24.84
N VAL B 308 -30.49 15.68 24.66
CA VAL B 308 -29.61 15.11 25.68
C VAL B 308 -28.18 15.24 25.17
N PRO B 309 -27.39 16.17 25.67
CA PRO B 309 -26.03 16.36 25.17
C PRO B 309 -24.99 15.57 25.95
N ILE B 310 -23.82 15.43 25.34
CA ILE B 310 -22.68 14.72 25.92
C ILE B 310 -21.49 15.66 25.85
N THR B 311 -20.94 16.02 27.01
CA THR B 311 -19.79 16.91 27.09
C THR B 311 -18.57 16.11 27.55
N VAL B 312 -17.43 16.34 26.91
CA VAL B 312 -16.18 15.71 27.27
C VAL B 312 -15.27 16.76 27.89
N THR B 313 -14.73 16.47 29.07
CA THR B 313 -13.80 17.34 29.77
C THR B 313 -12.55 16.53 30.06
N VAL B 314 -11.42 16.99 29.54
CA VAL B 314 -10.18 16.24 29.57
C VAL B 314 -9.07 17.16 30.08
N ALA B 315 -8.07 16.57 30.76
CA ALA B 315 -7.02 17.34 31.40
C ALA B 315 -5.69 16.60 31.32
N PRO B 316 -4.64 17.23 30.81
CA PRO B 316 -3.33 16.56 30.76
C PRO B 316 -2.71 16.47 32.14
N MET B 317 -2.06 15.33 32.39
CA MET B 317 -1.45 15.08 33.69
C MET B 317 0.01 14.71 33.49
N CYS B 318 0.90 15.44 34.17
CA CYS B 318 2.35 15.23 34.18
C CYS B 318 2.93 15.31 32.76
N ALA B 319 2.82 16.51 32.19
CA ALA B 319 3.26 16.77 30.83
C ALA B 319 4.69 17.27 30.82
N GLU B 320 5.54 16.62 30.03
CA GLU B 320 6.93 17.02 29.85
C GLU B 320 7.20 17.28 28.38
N TYR B 321 8.18 18.12 28.11
CA TYR B 321 8.54 18.47 26.75
C TYR B 321 10.06 18.56 26.63
N ASN B 322 10.57 18.34 25.43
CA ASN B 322 11.99 18.42 25.16
C ASN B 322 12.22 18.87 23.73
N GLY B 323 13.42 19.38 23.48
CA GLY B 323 13.78 19.82 22.15
C GLY B 323 13.15 21.14 21.76
N LEU B 324 13.55 22.22 22.43
CA LEU B 324 12.98 23.54 22.18
C LEU B 324 13.53 24.10 20.87
N ARG B 325 12.65 24.37 19.93
CA ARG B 325 13.00 25.01 18.67
C ARG B 325 11.86 25.93 18.29
N LEU B 326 11.88 26.46 17.06
CA LEU B 326 10.85 27.34 16.58
C LEU B 326 9.53 26.60 16.37
N ALA B 327 8.50 27.35 16.01
CA ALA B 327 7.14 26.83 15.98
C ALA B 327 6.93 25.88 14.81
N GLY B 328 6.22 24.78 15.07
CA GLY B 328 5.97 23.77 14.07
C GLY B 328 4.91 24.17 13.07
N HIS B 329 4.38 23.18 12.33
CA HIS B 329 4.71 21.77 12.45
C HIS B 329 5.03 21.17 11.08
N GLN B 330 5.89 21.86 10.34
CA GLN B 330 6.18 21.54 8.94
C GLN B 330 7.03 20.28 8.77
N GLY C 1 38.32 -39.71 17.64
CA GLY C 1 37.51 -38.86 18.50
C GLY C 1 36.60 -39.67 19.41
N LEU C 2 35.63 -39.01 20.01
CA LEU C 2 34.70 -39.70 20.88
C LEU C 2 33.74 -40.55 20.06
N PRO C 3 33.58 -41.84 20.36
CA PRO C 3 32.67 -42.68 19.58
C PRO C 3 31.22 -42.37 19.94
N THR C 4 30.49 -41.83 18.97
CA THR C 4 29.06 -41.55 19.11
C THR C 4 28.27 -42.48 18.20
N MET C 5 26.95 -42.33 18.25
CA MET C 5 26.05 -43.18 17.48
C MET C 5 24.72 -42.44 17.33
N ASN C 6 24.17 -42.46 16.12
CA ASN C 6 23.04 -41.60 15.78
C ASN C 6 21.72 -42.31 16.05
N THR C 7 21.00 -41.86 17.07
CA THR C 7 19.66 -42.32 17.37
C THR C 7 18.72 -41.88 16.23
N PRO C 8 17.69 -42.70 15.92
CA PRO C 8 16.65 -42.23 14.99
C PRO C 8 15.97 -40.96 15.48
N GLY C 9 15.60 -40.12 14.52
CA GLY C 9 15.12 -38.80 14.82
C GLY C 9 16.14 -37.70 14.63
N SER C 10 17.20 -37.95 13.87
CA SER C 10 18.22 -36.95 13.61
C SER C 10 18.07 -36.41 12.19
N THR C 11 18.57 -35.19 11.99
CA THR C 11 18.40 -34.38 10.79
C THR C 11 16.92 -34.25 10.40
N GLN C 12 16.08 -34.04 11.41
CA GLN C 12 14.67 -33.78 11.21
C GLN C 12 14.33 -32.41 11.81
N PHE C 13 13.29 -31.80 11.28
CA PHE C 13 12.85 -30.47 11.71
C PHE C 13 11.45 -30.62 12.26
N LEU C 14 11.36 -30.89 13.55
CA LEU C 14 10.09 -30.78 14.26
C LEU C 14 9.83 -29.31 14.55
N THR C 15 8.62 -28.84 14.26
CA THR C 15 8.35 -27.42 14.43
C THR C 15 8.11 -27.03 15.88
N SER C 16 8.05 -27.98 16.80
CA SER C 16 7.85 -27.66 18.20
C SER C 16 8.94 -28.25 19.08
N ASP C 17 10.20 -28.14 18.66
CA ASP C 17 11.31 -28.57 19.48
C ASP C 17 11.94 -27.36 20.18
N ASP C 18 12.88 -27.64 21.07
CA ASP C 18 13.42 -26.64 21.98
C ASP C 18 14.93 -26.83 21.97
N PHE C 19 15.61 -26.22 21.00
CA PHE C 19 17.05 -26.37 20.83
C PHE C 19 17.70 -25.00 20.70
N GLN C 20 19.01 -24.97 20.89
CA GLN C 20 19.79 -23.75 20.70
C GLN C 20 20.31 -23.67 19.27
N SER C 21 20.77 -22.48 18.91
CA SER C 21 21.16 -22.19 17.54
C SER C 21 22.33 -21.23 17.56
N PRO C 22 23.19 -21.25 16.55
CA PRO C 22 24.23 -20.21 16.47
C PRO C 22 23.62 -18.88 16.07
N SER C 23 24.00 -17.83 16.79
CA SER C 23 23.45 -16.51 16.54
C SER C 23 24.05 -15.92 15.27
N ALA C 24 23.23 -15.20 14.52
CA ALA C 24 23.69 -14.58 13.28
C ALA C 24 24.51 -13.34 13.55
N MET C 25 23.99 -12.43 14.39
CA MET C 25 24.75 -11.25 14.79
C MET C 25 25.11 -11.36 16.26
N PRO C 26 26.37 -11.64 16.58
CA PRO C 26 26.77 -11.76 17.99
C PRO C 26 27.22 -10.42 18.57
N GLN C 27 27.31 -10.41 19.91
CA GLN C 27 27.70 -9.25 20.71
C GLN C 27 26.80 -8.04 20.46
N PHE C 28 25.52 -8.31 20.27
CA PHE C 28 24.55 -7.25 20.00
C PHE C 28 24.20 -6.52 21.28
N ASP C 29 24.17 -5.19 21.21
CA ASP C 29 23.81 -4.35 22.37
C ASP C 29 22.35 -3.97 22.23
N VAL C 30 21.47 -4.71 22.90
CA VAL C 30 20.05 -4.47 22.75
C VAL C 30 19.64 -3.22 23.51
N THR C 31 18.51 -2.65 23.13
CA THR C 31 18.02 -1.45 23.77
C THR C 31 17.41 -1.81 25.13
N PRO C 32 17.60 -0.94 26.14
CA PRO C 32 17.10 -1.27 27.48
C PRO C 32 15.59 -1.13 27.54
N GLU C 33 14.94 -2.12 28.13
CA GLU C 33 13.49 -2.10 28.25
C GLU C 33 13.04 -1.04 29.25
N ILE C 34 11.86 -0.49 28.99
CA ILE C 34 11.30 0.54 29.85
C ILE C 34 10.05 -0.02 30.51
N GLN C 35 9.44 0.76 31.40
CA GLN C 35 8.28 0.29 32.17
C GLN C 35 7.02 0.62 31.39
N ILE C 36 6.79 -0.12 30.31
CA ILE C 36 5.56 0.01 29.54
C ILE C 36 4.40 -0.57 30.36
N PRO C 37 3.32 0.18 30.59
CA PRO C 37 2.29 -0.28 31.52
C PRO C 37 1.40 -1.36 30.94
N GLY C 38 0.98 -2.26 31.82
CA GLY C 38 -0.07 -3.20 31.51
C GLY C 38 0.38 -4.52 30.95
N GLN C 39 1.56 -4.99 31.36
CA GLN C 39 2.16 -6.20 30.81
C GLN C 39 1.35 -7.44 31.12
N VAL C 40 1.16 -8.28 30.11
CA VAL C 40 0.37 -9.50 30.22
C VAL C 40 1.30 -10.70 30.11
N ARG C 41 1.13 -11.68 31.00
CA ARG C 41 2.03 -12.83 31.08
C ARG C 41 1.34 -14.16 30.80
N ASN C 42 0.05 -14.15 30.49
CA ASN C 42 -0.69 -15.37 30.26
C ASN C 42 -1.88 -15.06 29.36
N LEU C 43 -2.34 -16.08 28.64
CA LEU C 43 -3.48 -15.87 27.76
C LEU C 43 -4.81 -15.90 28.51
N MET C 44 -4.84 -16.43 29.73
CA MET C 44 -6.07 -16.45 30.50
C MET C 44 -6.36 -15.11 31.16
N GLU C 45 -5.39 -14.22 31.25
CA GLU C 45 -5.66 -12.89 31.79
C GLU C 45 -6.46 -12.05 30.79
N ILE C 46 -6.33 -12.35 29.50
CA ILE C 46 -7.20 -11.74 28.51
C ILE C 46 -8.61 -12.32 28.62
N ALA C 47 -8.72 -13.62 28.89
CA ALA C 47 -10.00 -14.30 28.94
C ALA C 47 -10.75 -14.11 30.24
N GLU C 48 -10.19 -13.39 31.21
CA GLU C 48 -10.87 -13.16 32.48
C GLU C 48 -11.48 -11.78 32.56
N VAL C 49 -11.53 -11.04 31.47
CA VAL C 49 -12.21 -9.76 31.41
C VAL C 49 -13.46 -9.91 30.54
N ASP C 50 -14.47 -9.10 30.82
CA ASP C 50 -15.78 -9.28 30.22
C ASP C 50 -15.80 -8.88 28.75
N SER C 51 -16.80 -9.39 28.04
CA SER C 51 -17.05 -9.06 26.65
C SER C 51 -18.51 -9.36 26.36
N VAL C 52 -19.24 -8.37 25.85
CA VAL C 52 -20.68 -8.47 25.76
C VAL C 52 -21.07 -9.45 24.65
N VAL C 53 -21.95 -10.39 24.98
CA VAL C 53 -22.30 -11.52 24.13
C VAL C 53 -23.38 -11.12 23.13
N PRO C 54 -23.23 -11.42 21.85
CA PRO C 54 -24.29 -11.15 20.87
C PRO C 54 -25.39 -12.20 20.89
N VAL C 55 -26.27 -12.09 21.88
CA VAL C 55 -27.32 -13.09 22.07
C VAL C 55 -28.40 -12.96 21.02
N ASN C 56 -28.84 -11.73 20.74
CA ASN C 56 -29.88 -11.48 19.73
C ASN C 56 -29.26 -11.46 18.32
N ASN C 57 -28.76 -12.63 17.91
CA ASN C 57 -28.06 -12.74 16.64
C ASN C 57 -28.95 -13.29 15.53
N THR C 58 -30.26 -13.15 15.67
CA THR C 58 -31.17 -13.55 14.61
C THR C 58 -31.04 -12.60 13.43
N GLU C 59 -31.02 -13.15 12.22
CA GLU C 59 -30.65 -12.39 11.03
C GLU C 59 -31.70 -11.34 10.68
N GLY C 60 -31.26 -10.22 10.07
CA GLY C 60 -29.87 -9.83 9.93
C GLY C 60 -29.39 -8.81 10.96
N HIS C 61 -29.59 -9.11 12.24
CA HIS C 61 -29.19 -8.19 13.28
C HIS C 61 -27.69 -8.22 13.57
N VAL C 62 -26.96 -9.17 13.00
CA VAL C 62 -25.53 -9.25 13.28
C VAL C 62 -24.72 -8.21 12.52
N ASN C 63 -25.32 -7.54 11.55
CA ASN C 63 -24.66 -6.49 10.79
C ASN C 63 -24.88 -5.11 11.40
N SER C 64 -25.43 -5.04 12.61
CA SER C 64 -25.74 -3.77 13.24
C SER C 64 -25.39 -3.87 14.72
N MET C 65 -25.84 -2.89 15.49
CA MET C 65 -25.63 -2.90 16.93
C MET C 65 -26.76 -3.60 17.67
N GLU C 66 -27.77 -4.06 16.95
CA GLU C 66 -28.92 -4.72 17.57
C GLU C 66 -28.63 -6.18 17.94
N ALA C 67 -27.41 -6.66 17.72
CA ALA C 67 -27.07 -8.03 18.10
C ALA C 67 -26.86 -8.16 19.60
N TYR C 68 -26.59 -7.06 20.29
CA TYR C 68 -26.30 -7.08 21.72
C TYR C 68 -27.49 -6.62 22.56
N ARG C 69 -28.69 -6.66 22.02
CA ARG C 69 -29.80 -5.83 22.50
C ARG C 69 -31.01 -6.68 22.83
N ILE C 70 -30.82 -7.67 23.70
CA ILE C 70 -31.85 -8.56 24.25
C ILE C 70 -33.07 -7.80 24.74
N PRO C 71 -34.21 -7.92 24.07
CA PRO C 71 -35.37 -7.10 24.42
C PRO C 71 -36.30 -7.73 25.46
N VAL C 72 -36.75 -6.89 26.40
CA VAL C 72 -37.79 -7.26 27.34
C VAL C 72 -38.89 -6.21 27.25
N ARG C 73 -40.05 -6.54 27.82
CA ARG C 73 -41.25 -5.74 27.67
C ARG C 73 -42.25 -6.17 28.72
N PRO C 74 -43.25 -5.34 29.04
CA PRO C 74 -44.33 -5.80 29.92
C PRO C 74 -45.14 -6.92 29.27
N GLN C 75 -45.43 -7.94 30.06
CA GLN C 75 -46.03 -9.16 29.57
C GLN C 75 -47.54 -9.15 29.74
N THR C 76 -48.18 -10.24 29.32
CA THR C 76 -49.58 -10.51 29.59
C THR C 76 -49.77 -11.67 30.56
N SER C 77 -49.00 -12.74 30.39
CA SER C 77 -48.91 -13.83 31.34
C SER C 77 -47.44 -14.05 31.68
N SER C 78 -47.17 -14.39 32.93
CA SER C 78 -45.79 -14.51 33.36
C SER C 78 -45.21 -15.86 32.96
N GLY C 79 -43.96 -16.09 33.38
CA GLY C 79 -43.31 -17.35 33.14
C GLY C 79 -42.69 -17.53 31.77
N GLU C 80 -42.82 -16.54 30.89
CA GLU C 80 -42.32 -16.67 29.53
C GLU C 80 -40.80 -16.59 29.49
N GLN C 81 -40.23 -17.06 28.39
CA GLN C 81 -38.79 -17.07 28.20
C GLN C 81 -38.32 -15.75 27.62
N VAL C 82 -37.12 -15.32 28.02
CA VAL C 82 -36.52 -14.11 27.49
C VAL C 82 -35.55 -14.46 26.38
N PHE C 83 -34.53 -15.24 26.71
CA PHE C 83 -33.58 -15.75 25.74
C PHE C 83 -33.17 -17.16 26.14
N GLY C 84 -32.18 -17.68 25.43
CA GLY C 84 -31.64 -18.98 25.76
C GLY C 84 -30.62 -19.45 24.74
N PHE C 85 -29.52 -20.02 25.22
CA PHE C 85 -28.48 -20.53 24.34
C PHE C 85 -27.84 -21.74 24.99
N GLN C 86 -27.04 -22.45 24.20
CA GLN C 86 -26.27 -23.58 24.70
C GLN C 86 -24.97 -23.10 25.32
N LEU C 87 -24.44 -23.88 26.24
CA LEU C 87 -23.18 -23.54 26.91
C LEU C 87 -22.01 -24.20 26.18
N GLN C 88 -21.80 -23.80 24.93
CA GLN C 88 -20.70 -24.32 24.12
C GLN C 88 -19.82 -23.16 23.68
N PRO C 89 -18.93 -22.67 24.55
CA PRO C 89 -18.03 -21.61 24.14
C PRO C 89 -16.97 -22.17 23.19
N GLY C 90 -16.68 -21.42 22.14
CA GLY C 90 -15.83 -21.89 21.09
C GLY C 90 -16.54 -22.62 19.97
N HIS C 91 -17.76 -23.07 20.18
CA HIS C 91 -18.45 -23.74 19.07
C HIS C 91 -19.84 -23.18 18.80
N ASP C 92 -20.60 -22.81 19.83
CA ASP C 92 -21.93 -22.29 19.61
C ASP C 92 -21.83 -20.85 19.09
N SER C 93 -22.62 -20.55 18.05
CA SER C 93 -22.50 -19.27 17.36
C SER C 93 -23.27 -18.16 18.07
N VAL C 94 -23.05 -18.02 19.38
CA VAL C 94 -23.56 -16.91 20.16
C VAL C 94 -22.37 -16.33 20.91
N LEU C 95 -21.64 -17.20 21.58
CA LEU C 95 -20.49 -16.83 22.39
C LEU C 95 -19.20 -17.39 21.80
N LYS C 96 -19.18 -17.55 20.48
CA LYS C 96 -17.99 -18.00 19.77
C LYS C 96 -17.03 -16.87 19.45
N HIS C 97 -17.56 -15.72 19.03
CA HIS C 97 -16.76 -14.59 18.63
C HIS C 97 -16.57 -13.58 19.74
N THR C 98 -16.85 -13.96 20.98
CA THR C 98 -16.58 -13.10 22.12
C THR C 98 -15.11 -13.23 22.48
N LEU C 99 -14.70 -12.62 23.59
CA LEU C 99 -13.28 -12.61 23.92
C LEU C 99 -12.86 -13.93 24.55
N LEU C 100 -13.77 -14.58 25.26
CA LEU C 100 -13.47 -15.93 25.75
C LEU C 100 -13.46 -16.92 24.60
N GLY C 101 -14.33 -16.73 23.61
CA GLY C 101 -14.46 -17.69 22.54
C GLY C 101 -13.29 -17.69 21.57
N GLU C 102 -12.70 -16.53 21.30
CA GLU C 102 -11.57 -16.45 20.38
C GLU C 102 -10.28 -16.98 20.98
N ILE C 103 -10.25 -17.27 22.28
CA ILE C 103 -9.07 -17.79 22.93
C ILE C 103 -9.11 -19.30 23.05
N LEU C 104 -10.30 -19.86 23.30
CA LEU C 104 -10.47 -21.31 23.29
C LEU C 104 -10.24 -21.91 21.92
N ASN C 105 -10.48 -21.14 20.85
CA ASN C 105 -10.33 -21.68 19.50
C ASN C 105 -8.87 -21.84 19.08
N TYR C 106 -7.93 -21.27 19.83
CA TYR C 106 -6.53 -21.62 19.71
C TYR C 106 -6.18 -22.86 20.51
N TYR C 107 -7.16 -23.52 21.11
CA TYR C 107 -6.94 -24.68 21.96
C TYR C 107 -7.94 -25.77 21.60
N ALA C 108 -7.78 -26.94 22.21
CA ALA C 108 -8.63 -28.08 21.91
C ALA C 108 -9.25 -28.71 23.15
N ASN C 109 -9.12 -28.07 24.31
CA ASN C 109 -9.68 -28.55 25.56
C ASN C 109 -9.91 -27.34 26.45
N TRP C 110 -11.01 -27.34 27.20
CA TRP C 110 -11.23 -26.32 28.22
C TRP C 110 -11.84 -26.97 29.44
N SER C 111 -11.75 -26.26 30.56
CA SER C 111 -12.24 -26.73 31.85
C SER C 111 -12.29 -25.56 32.82
N GLY C 112 -13.35 -25.54 33.62
CA GLY C 112 -13.51 -24.53 34.64
C GLY C 112 -14.88 -23.93 34.58
N SER C 113 -15.15 -22.99 35.49
CA SER C 113 -16.45 -22.35 35.62
C SER C 113 -16.47 -21.04 34.87
N MET C 114 -17.56 -20.79 34.14
CA MET C 114 -17.76 -19.54 33.43
C MET C 114 -18.62 -18.61 34.27
N LYS C 115 -18.51 -17.32 34.01
CA LYS C 115 -19.21 -16.30 34.78
C LYS C 115 -19.98 -15.43 33.81
N LEU C 116 -21.31 -15.40 33.96
CA LEU C 116 -22.17 -14.56 33.15
C LEU C 116 -22.61 -13.36 33.97
N THR C 117 -22.47 -12.17 33.39
CA THR C 117 -22.85 -10.94 34.06
C THR C 117 -23.87 -10.20 33.19
N PHE C 118 -24.92 -9.70 33.81
CA PHE C 118 -25.98 -8.99 33.09
C PHE C 118 -25.97 -7.52 33.48
N MET C 119 -26.70 -6.72 32.70
CA MET C 119 -26.75 -5.29 32.93
C MET C 119 -28.03 -4.76 32.30
N TYR C 120 -29.01 -4.41 33.13
CA TYR C 120 -30.31 -3.97 32.63
C TYR C 120 -30.24 -2.49 32.29
N CYS C 121 -30.24 -2.18 31.00
CA CYS C 121 -30.17 -0.80 30.53
C CYS C 121 -31.55 -0.25 30.21
N GLY C 122 -32.40 -0.19 31.25
CA GLY C 122 -33.72 0.33 31.13
C GLY C 122 -33.90 1.63 31.87
N ALA C 123 -35.15 2.01 32.09
CA ALA C 123 -35.45 3.23 32.82
C ALA C 123 -35.16 3.06 34.30
N ALA C 124 -35.09 4.18 35.01
CA ALA C 124 -34.80 4.13 36.43
C ALA C 124 -36.04 3.91 37.28
N MET C 125 -37.21 3.87 36.67
CA MET C 125 -38.47 3.74 37.39
C MET C 125 -39.15 2.40 37.15
N ALA C 126 -38.56 1.51 36.35
CA ALA C 126 -39.16 0.22 36.05
C ALA C 126 -38.65 -0.83 37.02
N THR C 127 -39.47 -1.86 37.24
CA THR C 127 -39.20 -2.89 38.23
C THR C 127 -39.62 -4.24 37.69
N GLY C 128 -38.82 -5.26 37.97
CA GLY C 128 -39.16 -6.61 37.55
C GLY C 128 -38.09 -7.59 37.96
N LYS C 129 -38.45 -8.87 37.90
CA LYS C 129 -37.56 -9.95 38.28
C LYS C 129 -37.42 -10.93 37.13
N PHE C 130 -36.33 -11.70 37.15
CA PHE C 130 -36.07 -12.71 36.15
C PHE C 130 -35.58 -13.98 36.83
N LEU C 131 -35.56 -15.08 36.09
CA LEU C 131 -35.09 -16.37 36.59
C LEU C 131 -34.04 -16.88 35.62
N ILE C 132 -32.77 -16.63 35.93
CA ILE C 132 -31.65 -17.04 35.09
C ILE C 132 -31.20 -18.40 35.59
N ALA C 133 -31.33 -19.42 34.76
CA ALA C 133 -31.12 -20.80 35.19
C ALA C 133 -30.12 -21.50 34.29
N TYR C 134 -29.18 -22.20 34.91
CA TYR C 134 -28.30 -23.15 34.24
C TYR C 134 -28.84 -24.55 34.45
N SER C 135 -28.82 -25.36 33.41
CA SER C 135 -29.28 -26.73 33.56
C SER C 135 -28.20 -27.70 33.11
N PRO C 136 -27.88 -28.71 33.93
CA PRO C 136 -26.92 -29.74 33.54
C PRO C 136 -27.40 -30.51 32.33
N PRO C 137 -26.48 -31.16 31.55
CA PRO C 137 -26.84 -31.73 30.24
C PRO C 137 -27.94 -32.77 30.28
N GLY C 138 -27.68 -33.91 30.92
CA GLY C 138 -28.65 -34.97 31.21
C GLY C 138 -29.62 -35.31 30.11
N ALA C 139 -30.90 -35.11 30.39
CA ALA C 139 -31.94 -35.06 29.38
C ALA C 139 -33.12 -34.32 29.97
N GLY C 140 -33.66 -33.33 29.24
CA GLY C 140 -33.06 -32.77 28.04
C GLY C 140 -32.81 -31.28 28.19
N VAL C 141 -33.64 -30.50 27.52
CA VAL C 141 -33.63 -29.04 27.61
C VAL C 141 -34.97 -28.60 28.21
N PRO C 142 -35.00 -27.64 29.13
CA PRO C 142 -36.29 -27.27 29.74
C PRO C 142 -37.12 -26.39 28.83
N GLY C 143 -38.44 -26.57 28.90
CA GLY C 143 -39.34 -25.82 28.07
C GLY C 143 -40.37 -25.04 28.87
N SER C 144 -40.08 -24.80 30.14
CA SER C 144 -41.00 -24.06 31.00
C SER C 144 -40.21 -23.46 32.16
N ARG C 145 -40.83 -22.48 32.82
CA ARG C 145 -40.25 -21.97 34.05
C ARG C 145 -40.35 -22.99 35.18
N ARG C 146 -41.38 -23.84 35.14
CA ARG C 146 -41.51 -24.91 36.12
C ARG C 146 -40.42 -25.96 35.95
N ASP C 147 -39.98 -26.20 34.72
CA ASP C 147 -38.92 -27.16 34.49
C ASP C 147 -37.55 -26.57 34.77
N ALA C 148 -37.30 -25.34 34.35
CA ALA C 148 -36.01 -24.70 34.63
C ALA C 148 -36.03 -23.91 35.93
N MET C 149 -36.52 -24.56 36.98
CA MET C 149 -36.35 -24.12 38.34
C MET C 149 -35.70 -25.20 39.19
N LEU C 150 -35.61 -26.42 38.69
CA LEU C 150 -35.03 -27.51 39.46
C LEU C 150 -33.51 -27.51 39.38
N GLY C 151 -32.95 -26.93 38.33
CA GLY C 151 -31.51 -26.82 38.20
C GLY C 151 -30.94 -25.65 38.96
N THR C 152 -29.72 -25.29 38.62
CA THR C 152 -29.08 -24.14 39.25
C THR C 152 -29.70 -22.85 38.72
N HIS C 153 -30.17 -22.00 39.62
CA HIS C 153 -30.77 -20.73 39.21
C HIS C 153 -30.49 -19.67 40.25
N VAL C 154 -30.67 -18.41 39.84
CA VAL C 154 -30.73 -17.27 40.75
C VAL C 154 -31.93 -16.44 40.36
N ILE C 155 -32.26 -15.47 41.21
CA ILE C 155 -33.39 -14.57 40.99
C ILE C 155 -32.86 -13.16 41.05
N TRP C 156 -33.10 -12.38 39.99
CA TRP C 156 -32.46 -11.08 39.79
C TRP C 156 -33.54 -10.03 39.66
N ASP C 157 -33.63 -9.15 40.66
CA ASP C 157 -34.50 -7.98 40.59
C ASP C 157 -33.77 -6.83 39.93
N VAL C 158 -34.47 -6.09 39.08
CA VAL C 158 -33.88 -4.93 38.42
C VAL C 158 -34.25 -3.62 39.12
N GLY C 159 -35.05 -3.67 40.18
CA GLY C 159 -35.32 -2.50 40.97
C GLY C 159 -34.32 -2.36 42.10
N LEU C 160 -33.68 -3.46 42.47
CA LEU C 160 -32.67 -3.45 43.53
C LEU C 160 -31.27 -3.28 42.97
N GLN C 161 -30.85 -4.19 42.11
CA GLN C 161 -29.54 -4.14 41.48
C GLN C 161 -29.71 -4.08 39.98
N SER C 162 -28.71 -3.52 39.30
CA SER C 162 -28.73 -3.49 37.85
C SER C 162 -27.88 -4.58 37.23
N SER C 163 -26.95 -5.16 37.98
CA SER C 163 -26.04 -6.16 37.48
C SER C 163 -26.15 -7.43 38.31
N CYS C 164 -26.25 -8.57 37.63
CA CYS C 164 -26.33 -9.86 38.30
C CYS C 164 -25.25 -10.78 37.76
N VAL C 165 -24.59 -11.50 38.65
CA VAL C 165 -23.51 -12.41 38.30
C VAL C 165 -23.99 -13.84 38.53
N LEU C 166 -23.86 -14.67 37.51
CA LEU C 166 -24.25 -16.08 37.58
C LEU C 166 -23.03 -16.92 37.29
N CYS C 167 -22.38 -17.42 38.35
CA CYS C 167 -21.27 -18.35 38.21
C CYS C 167 -21.82 -19.70 37.77
N VAL C 168 -21.59 -20.06 36.51
CA VAL C 168 -22.03 -21.34 35.98
C VAL C 168 -21.09 -22.43 36.48
N PRO C 169 -21.54 -23.33 37.34
CA PRO C 169 -20.63 -24.30 37.96
C PRO C 169 -20.22 -25.40 37.00
N TRP C 170 -19.04 -25.95 37.27
CA TRP C 170 -18.45 -26.98 36.42
C TRP C 170 -18.95 -28.34 36.88
N ILE C 171 -19.86 -28.93 36.12
CA ILE C 171 -20.37 -30.27 36.38
C ILE C 171 -20.06 -31.09 35.13
N SER C 172 -19.24 -32.12 35.29
CA SER C 172 -18.91 -33.00 34.17
C SER C 172 -18.38 -34.31 34.72
N GLN C 173 -18.39 -35.32 33.86
CA GLN C 173 -17.79 -36.60 34.18
C GLN C 173 -16.28 -36.60 33.91
N THR C 174 -15.82 -35.80 32.96
CA THR C 174 -14.41 -35.72 32.60
C THR C 174 -13.75 -34.52 33.25
N ASN C 175 -12.43 -34.49 33.21
CA ASN C 175 -11.69 -33.36 33.73
C ASN C 175 -11.63 -32.21 32.75
N TYR C 176 -11.74 -32.49 31.45
CA TYR C 176 -11.75 -31.45 30.43
C TYR C 176 -12.91 -31.70 29.48
N ARG C 177 -13.32 -30.66 28.77
CA ARG C 177 -14.33 -30.78 27.74
C ARG C 177 -13.76 -30.27 26.43
N TYR C 178 -14.17 -30.90 25.33
CA TYR C 178 -13.63 -30.53 24.03
C TYR C 178 -14.25 -29.23 23.54
N VAL C 179 -13.42 -28.38 22.93
CA VAL C 179 -13.90 -27.08 22.44
C VAL C 179 -14.81 -27.28 21.24
N THR C 180 -14.34 -28.00 20.23
CA THR C 180 -15.21 -28.41 19.13
C THR C 180 -16.14 -29.48 19.66
N SER C 181 -17.33 -29.07 20.06
CA SER C 181 -18.17 -29.88 20.95
C SER C 181 -18.79 -31.04 20.22
N ASP C 182 -18.56 -32.25 20.73
CA ASP C 182 -19.19 -33.46 20.25
C ASP C 182 -20.27 -33.89 21.25
N ALA C 183 -20.88 -35.05 21.00
CA ALA C 183 -22.00 -35.48 21.80
C ALA C 183 -21.58 -36.01 23.17
N TYR C 184 -20.36 -36.50 23.29
CA TYR C 184 -19.93 -37.16 24.52
C TYR C 184 -19.73 -36.16 25.66
N THR C 185 -19.04 -35.05 25.39
CA THR C 185 -18.80 -34.03 26.40
C THR C 185 -19.78 -32.88 26.23
N ASP C 186 -21.02 -33.12 26.65
CA ASP C 186 -22.02 -32.07 26.63
C ASP C 186 -21.82 -31.14 27.82
N ALA C 187 -22.43 -29.96 27.76
CA ALA C 187 -22.26 -28.97 28.81
C ALA C 187 -23.54 -28.36 29.36
N GLY C 188 -24.62 -28.34 28.62
CA GLY C 188 -25.90 -27.93 29.18
C GLY C 188 -26.44 -26.69 28.52
N TYR C 189 -27.42 -26.08 29.19
CA TYR C 189 -28.26 -25.05 28.60
C TYR C 189 -28.44 -23.89 29.56
N ILE C 190 -28.29 -22.68 29.07
CA ILE C 190 -28.56 -21.46 29.83
C ILE C 190 -29.86 -20.85 29.33
N THR C 191 -30.80 -20.60 30.23
CA THR C 191 -32.08 -20.00 29.90
C THR C 191 -32.40 -18.89 30.90
N CYS C 192 -33.34 -18.04 30.52
CA CYS C 192 -33.74 -16.90 31.36
C CYS C 192 -35.21 -16.63 31.16
N TRP C 193 -35.97 -16.68 32.25
CA TRP C 193 -37.43 -16.63 32.20
C TRP C 193 -37.93 -15.48 33.05
N TYR C 194 -39.14 -15.03 32.75
CA TYR C 194 -39.77 -13.96 33.51
C TYR C 194 -40.22 -14.48 34.85
N GLN C 195 -39.75 -13.88 35.93
CA GLN C 195 -40.20 -14.32 37.24
C GLN C 195 -41.54 -13.69 37.59
N THR C 196 -41.64 -12.37 37.52
CA THR C 196 -42.93 -11.71 37.70
C THR C 196 -43.37 -10.97 36.44
N SER C 197 -42.67 -9.90 36.06
CA SER C 197 -43.10 -8.99 34.99
C SER C 197 -42.05 -7.93 34.72
N ILE C 198 -42.40 -6.94 33.91
CA ILE C 198 -41.75 -5.63 33.89
C ILE C 198 -42.86 -4.61 34.12
N VAL C 199 -42.81 -3.92 35.26
CA VAL C 199 -43.84 -2.96 35.65
C VAL C 199 -43.23 -1.57 35.61
N THR C 200 -43.97 -0.62 35.04
CA THR C 200 -43.45 0.73 34.82
C THR C 200 -44.55 1.76 35.02
N PRO C 201 -44.20 2.94 35.52
CA PRO C 201 -45.17 4.05 35.59
C PRO C 201 -45.43 4.60 34.20
N PRO C 202 -46.45 5.44 34.02
CA PRO C 202 -46.73 5.98 32.67
C PRO C 202 -45.63 6.89 32.16
N ASP C 203 -45.69 7.11 30.84
CA ASP C 203 -44.72 7.89 30.05
C ASP C 203 -43.29 7.33 30.17
N ILE C 204 -43.17 6.02 29.93
CA ILE C 204 -41.89 5.34 29.78
C ILE C 204 -42.03 4.41 28.58
N PRO C 205 -41.01 4.30 27.71
CA PRO C 205 -41.10 3.35 26.60
C PRO C 205 -41.16 1.91 27.07
N THR C 206 -41.78 1.07 26.24
CA THR C 206 -42.07 -0.30 26.66
C THR C 206 -40.84 -1.20 26.53
N THR C 207 -40.25 -1.27 25.34
CA THR C 207 -39.19 -2.23 25.06
C THR C 207 -37.87 -1.74 25.63
N SER C 208 -37.26 -2.56 26.47
CA SER C 208 -36.00 -2.27 27.14
C SER C 208 -34.88 -3.16 26.60
N THR C 209 -33.71 -3.08 27.21
CA THR C 209 -32.52 -3.74 26.70
C THR C 209 -31.70 -4.31 27.86
N ILE C 210 -31.27 -5.56 27.70
CA ILE C 210 -30.39 -6.22 28.66
C ILE C 210 -29.10 -6.58 27.93
N LEU C 211 -27.97 -6.18 28.49
CA LEU C 211 -26.68 -6.64 27.99
C LEU C 211 -26.23 -7.86 28.79
N CYS C 212 -25.38 -8.67 28.16
CA CYS C 212 -24.89 -9.91 28.77
C CYS C 212 -23.42 -10.08 28.46
N PHE C 213 -22.60 -10.22 29.50
CA PHE C 213 -21.16 -10.40 29.36
C PHE C 213 -20.76 -11.81 29.79
N VAL C 214 -19.70 -12.32 29.18
CA VAL C 214 -19.16 -13.64 29.52
C VAL C 214 -17.71 -13.45 29.93
N SER C 215 -17.27 -14.20 30.94
CA SER C 215 -15.89 -14.16 31.38
C SER C 215 -15.47 -15.56 31.80
N ALA C 216 -14.34 -15.64 32.48
CA ALA C 216 -13.84 -16.88 33.03
C ALA C 216 -13.52 -16.67 34.50
N CYS C 217 -13.72 -17.71 35.29
CA CYS C 217 -13.40 -17.65 36.71
C CYS C 217 -11.93 -18.00 36.93
N ASN C 218 -11.55 -18.21 38.18
CA ASN C 218 -10.15 -18.49 38.50
C ASN C 218 -9.74 -19.92 38.16
N ASP C 219 -10.66 -20.86 38.18
CA ASP C 219 -10.37 -22.26 37.90
C ASP C 219 -10.43 -22.60 36.42
N PHE C 220 -10.36 -21.60 35.54
CA PHE C 220 -10.42 -21.82 34.11
C PHE C 220 -9.03 -22.16 33.60
N SER C 221 -8.95 -23.16 32.72
CA SER C 221 -7.68 -23.56 32.13
C SER C 221 -7.96 -24.23 30.79
N VAL C 222 -6.98 -24.12 29.88
CA VAL C 222 -7.09 -24.69 28.55
C VAL C 222 -5.84 -25.48 28.21
N ARG C 223 -5.97 -26.38 27.24
CA ARG C 223 -4.95 -27.36 26.91
C ARG C 223 -4.98 -27.62 25.41
N LEU C 224 -3.93 -28.30 24.93
CA LEU C 224 -3.81 -28.83 23.57
C LEU C 224 -3.93 -27.72 22.51
N LEU C 225 -2.88 -26.92 22.46
CA LEU C 225 -2.79 -25.79 21.54
C LEU C 225 -2.92 -26.22 20.08
N ARG C 226 -3.69 -25.44 19.32
CA ARG C 226 -3.91 -25.67 17.89
C ARG C 226 -4.07 -24.34 17.19
N ASP C 227 -4.35 -24.35 15.88
CA ASP C 227 -4.57 -23.13 15.13
C ASP C 227 -6.07 -22.92 14.92
N THR C 228 -6.46 -21.66 14.81
CA THR C 228 -7.88 -21.31 14.82
C THR C 228 -8.52 -21.62 13.48
N PRO C 229 -9.77 -22.14 13.48
CA PRO C 229 -10.52 -22.31 12.24
C PRO C 229 -11.37 -21.09 11.88
N PHE C 230 -10.77 -19.91 11.94
CA PHE C 230 -11.46 -18.67 11.61
C PHE C 230 -10.84 -17.97 10.43
N ILE C 231 -9.54 -17.77 10.43
CA ILE C 231 -8.85 -17.11 9.33
C ILE C 231 -8.60 -18.12 8.22
N THR C 232 -8.65 -17.61 6.98
CA THR C 232 -8.30 -18.42 5.83
C THR C 232 -7.62 -17.53 4.79
N GLN C 233 -6.66 -18.12 4.09
CA GLN C 233 -5.99 -17.47 2.98
C GLN C 233 -5.34 -18.54 2.12
N GLN C 234 -5.12 -18.21 0.86
CA GLN C 234 -4.50 -19.12 -0.09
C GLN C 234 -3.15 -18.62 -0.56
N ALA C 235 -3.10 -17.42 -1.13
CA ALA C 235 -1.86 -16.79 -1.53
C ALA C 235 -1.37 -15.84 -0.46
N LEU C 236 -0.08 -15.53 -0.50
CA LEU C 236 0.52 -14.61 0.45
C LEU C 236 -0.01 -13.20 0.21
N PHE C 237 -0.23 -12.47 1.31
CA PHE C 237 -0.69 -11.10 1.20
C PHE C 237 0.39 -10.23 0.60
N GLN C 238 0.00 -9.28 -0.25
CA GLN C 238 0.96 -8.45 -0.94
C GLN C 238 0.75 -6.97 -0.64
N GLN D 1 33.06 -2.92 -21.30
CA GLN D 1 31.78 -2.37 -21.73
C GLN D 1 31.19 -3.23 -22.84
N VAL D 2 29.86 -3.25 -22.93
CA VAL D 2 29.19 -4.10 -23.90
C VAL D 2 29.29 -3.46 -25.28
N GLN D 3 30.14 -4.04 -26.13
CA GLN D 3 30.51 -3.45 -27.41
C GLN D 3 29.90 -4.25 -28.56
N LEU D 4 29.43 -3.54 -29.60
CA LEU D 4 29.38 -2.07 -29.65
C LEU D 4 27.96 -1.52 -29.85
N GLN D 5 27.29 -2.01 -30.89
CA GLN D 5 26.02 -1.46 -31.33
C GLN D 5 25.33 -2.50 -32.20
N GLN D 6 24.26 -2.07 -32.89
CA GLN D 6 23.55 -2.92 -33.83
C GLN D 6 23.89 -2.49 -35.25
N SER D 7 23.48 -3.30 -36.21
CA SER D 7 23.82 -3.12 -37.61
C SER D 7 22.69 -2.41 -38.34
N GLY D 8 22.90 -2.16 -39.63
CA GLY D 8 21.90 -1.50 -40.46
C GLY D 8 21.40 -2.37 -41.59
N SER D 9 20.14 -2.12 -41.98
CA SER D 9 19.51 -2.78 -43.10
C SER D 9 18.62 -1.80 -43.84
N GLU D 10 18.69 -1.83 -45.16
CA GLU D 10 17.91 -0.95 -46.01
C GLU D 10 16.73 -1.70 -46.62
N LEU D 11 16.04 -1.06 -47.56
CA LEU D 11 14.94 -1.69 -48.26
C LEU D 11 15.44 -2.84 -49.13
N VAL D 12 14.82 -4.01 -48.98
CA VAL D 12 15.19 -5.19 -49.73
C VAL D 12 14.01 -5.52 -50.65
N ARG D 13 14.32 -6.04 -51.84
CA ARG D 13 13.31 -6.46 -52.79
C ARG D 13 12.45 -7.58 -52.21
N PRO D 14 11.14 -7.58 -52.48
CA PRO D 14 10.24 -8.49 -51.74
C PRO D 14 10.41 -9.95 -52.16
N GLY D 15 10.59 -10.80 -51.16
CA GLY D 15 10.82 -12.21 -51.36
C GLY D 15 12.13 -12.71 -50.81
N ALA D 16 13.14 -11.85 -50.69
CA ALA D 16 14.42 -12.24 -50.14
C ALA D 16 14.38 -12.17 -48.61
N SER D 17 15.37 -12.79 -47.99
CA SER D 17 15.47 -12.85 -46.53
C SER D 17 16.51 -11.84 -46.06
N VAL D 18 16.04 -10.72 -45.52
CA VAL D 18 16.95 -9.81 -44.82
C VAL D 18 17.29 -10.41 -43.46
N LYS D 19 18.38 -9.91 -42.88
CA LYS D 19 18.81 -10.40 -41.57
C LYS D 19 19.45 -9.25 -40.80
N LEU D 20 18.96 -8.98 -39.60
CA LEU D 20 19.63 -8.08 -38.69
C LEU D 20 20.83 -8.78 -38.08
N SER D 21 21.72 -7.98 -37.48
CA SER D 21 22.91 -8.53 -36.83
C SER D 21 23.18 -7.68 -35.60
N CYS D 22 22.72 -8.15 -34.44
CA CYS D 22 22.80 -7.42 -33.19
C CYS D 22 24.08 -7.81 -32.47
N ARG D 23 25.03 -6.87 -32.42
CA ARG D 23 26.43 -7.19 -32.13
C ARG D 23 26.84 -6.85 -30.71
N ALA D 24 25.97 -7.08 -29.72
CA ALA D 24 26.36 -6.87 -28.33
C ALA D 24 27.29 -7.99 -27.86
N SER D 25 28.54 -7.63 -27.53
CA SER D 25 29.53 -8.59 -27.03
C SER D 25 30.13 -8.00 -25.74
N GLY D 26 29.45 -8.26 -24.63
CA GLY D 26 29.83 -7.74 -23.33
C GLY D 26 30.03 -8.85 -22.33
N TYR D 27 30.72 -9.91 -22.77
CA TYR D 27 30.62 -11.24 -22.17
C TYR D 27 31.01 -11.29 -20.70
N THR D 28 30.15 -11.83 -19.82
CA THR D 28 28.76 -12.39 -19.90
C THR D 28 28.33 -13.36 -21.02
N PHE D 29 28.96 -14.54 -21.08
CA PHE D 29 28.69 -15.50 -22.14
C PHE D 29 28.60 -16.91 -21.57
N THR D 30 27.57 -17.65 -21.98
CA THR D 30 26.43 -17.12 -22.74
C THR D 30 25.13 -17.56 -22.09
N THR D 31 24.72 -16.83 -21.05
CA THR D 31 23.49 -17.13 -20.31
C THR D 31 22.80 -15.82 -19.98
N TYR D 32 21.94 -15.35 -20.90
CA TYR D 32 21.06 -14.21 -20.69
C TYR D 32 19.97 -14.26 -21.75
N TRP D 33 19.04 -13.30 -21.68
CA TRP D 33 17.88 -13.25 -22.56
C TRP D 33 17.94 -11.99 -23.41
N MET D 34 18.23 -12.15 -24.71
CA MET D 34 18.32 -11.02 -25.62
C MET D 34 16.93 -10.68 -26.15
N HIS D 35 16.24 -9.80 -25.42
CA HIS D 35 14.89 -9.38 -25.79
C HIS D 35 14.95 -8.21 -26.77
N TRP D 36 14.20 -8.31 -27.87
CA TRP D 36 14.24 -7.31 -28.93
C TRP D 36 13.04 -6.38 -28.78
N VAL D 37 13.31 -5.09 -28.54
CA VAL D 37 12.26 -4.10 -28.39
C VAL D 37 12.08 -3.33 -29.69
N LYS D 38 10.84 -3.25 -30.17
CA LYS D 38 10.52 -2.57 -31.41
C LYS D 38 9.51 -1.46 -31.14
N GLN D 39 9.78 -0.29 -31.72
CA GLN D 39 8.88 0.84 -31.52
C GLN D 39 8.54 1.48 -32.86
N ARG D 40 7.26 1.78 -33.05
CA ARG D 40 6.78 2.47 -34.24
C ARG D 40 7.09 3.96 -34.14
N PRO D 41 6.89 4.72 -35.22
CA PRO D 41 6.80 6.19 -35.09
C PRO D 41 5.56 6.68 -34.34
N GLY D 42 4.65 5.79 -33.93
CA GLY D 42 3.58 6.10 -33.00
C GLY D 42 3.97 6.06 -31.54
N GLN D 43 5.28 6.04 -31.25
CA GLN D 43 5.90 6.20 -29.93
C GLN D 43 5.54 5.09 -28.94
N GLY D 44 4.92 4.00 -29.39
CA GLY D 44 4.62 2.87 -28.53
C GLY D 44 5.74 1.85 -28.61
N LEU D 45 6.15 1.33 -27.46
CA LEU D 45 7.23 0.35 -27.36
C LEU D 45 6.61 -1.04 -27.32
N GLU D 46 6.87 -1.84 -28.35
CA GLU D 46 6.39 -3.21 -28.43
C GLU D 46 7.56 -4.17 -28.29
N TRP D 47 7.24 -5.45 -28.16
CA TRP D 47 8.19 -6.50 -27.88
C TRP D 47 8.19 -7.51 -29.02
N ILE D 48 9.39 -7.86 -29.49
CA ILE D 48 9.57 -8.75 -30.64
C ILE D 48 9.92 -10.16 -30.21
N GLY D 49 10.40 -10.33 -28.99
CA GLY D 49 10.72 -11.66 -28.50
C GLY D 49 12.12 -11.76 -27.94
N ASN D 50 12.47 -12.91 -27.36
CA ASN D 50 13.77 -13.12 -26.75
C ASN D 50 14.36 -14.46 -27.19
N ILE D 51 15.64 -14.66 -26.91
CA ILE D 51 16.36 -15.87 -27.27
C ILE D 51 17.32 -16.21 -26.13
N TYR D 52 17.62 -17.49 -25.98
CA TYR D 52 18.49 -17.97 -24.90
C TYR D 52 19.59 -18.84 -25.50
N PRO D 53 20.86 -18.58 -25.16
CA PRO D 53 21.97 -19.25 -25.87
C PRO D 53 22.43 -20.57 -25.29
N HIS D 54 22.18 -20.85 -24.00
CA HIS D 54 22.77 -22.03 -23.38
C HIS D 54 22.14 -23.33 -23.88
N SER D 55 20.85 -23.33 -24.15
CA SER D 55 20.18 -24.50 -24.69
C SER D 55 19.57 -24.24 -26.06
N GLY D 56 19.09 -23.04 -26.32
CA GLY D 56 18.60 -22.66 -27.63
C GLY D 56 17.14 -22.27 -27.70
N ASN D 57 16.50 -21.96 -26.58
CA ASN D 57 15.07 -21.69 -26.55
C ASN D 57 14.81 -20.24 -26.97
N THR D 58 13.98 -20.09 -27.99
CA THR D 58 13.49 -18.80 -28.42
C THR D 58 12.09 -18.52 -27.87
N ASN D 59 11.50 -17.43 -28.35
CA ASN D 59 10.14 -17.06 -28.00
C ASN D 59 9.56 -16.22 -29.14
N TYR D 60 8.29 -15.85 -29.00
CA TYR D 60 7.59 -15.04 -29.99
C TYR D 60 6.42 -14.34 -29.31
N ASP D 61 5.74 -13.47 -30.06
CA ASP D 61 4.59 -12.74 -29.58
C ASP D 61 3.54 -12.69 -30.68
N GLU D 62 2.28 -12.45 -30.28
CA GLU D 62 1.13 -12.65 -31.17
C GLU D 62 1.14 -11.71 -32.39
N ARG D 63 1.71 -10.53 -32.26
CA ARG D 63 1.71 -9.60 -33.38
C ARG D 63 2.95 -9.71 -34.26
N PHE D 64 3.82 -10.69 -33.99
CA PHE D 64 5.03 -10.88 -34.78
C PHE D 64 5.37 -12.35 -35.03
N LYS D 65 4.39 -13.25 -34.95
CA LYS D 65 4.62 -14.65 -35.24
C LYS D 65 4.69 -14.89 -36.75
N SER D 66 5.21 -16.08 -37.11
CA SER D 66 5.07 -16.69 -38.43
C SER D 66 5.66 -15.82 -39.55
N LYS D 67 7.00 -15.73 -39.61
CA LYS D 67 7.95 -16.57 -38.89
C LYS D 67 9.19 -15.78 -38.55
N ALA D 68 9.20 -15.17 -37.37
CA ALA D 68 10.30 -14.34 -36.91
C ALA D 68 11.17 -15.21 -36.01
N THR D 69 12.25 -15.75 -36.57
CA THR D 69 13.14 -16.63 -35.82
C THR D 69 14.23 -15.81 -35.16
N LEU D 70 14.67 -16.26 -33.99
CA LEU D 70 15.76 -15.62 -33.25
C LEU D 70 16.88 -16.65 -33.12
N THR D 71 17.74 -16.72 -34.13
CA THR D 71 18.81 -17.69 -34.16
C THR D 71 19.98 -17.20 -33.31
N VAL D 72 20.67 -18.14 -32.69
CA VAL D 72 21.78 -17.84 -31.79
C VAL D 72 23.02 -18.58 -32.24
N ASP D 73 24.16 -17.89 -32.19
CA ASP D 73 25.47 -18.46 -32.53
C ASP D 73 26.51 -17.86 -31.58
N THR D 74 26.99 -18.68 -30.65
CA THR D 74 27.90 -18.18 -29.62
C THR D 74 29.31 -17.92 -30.13
N SER D 75 29.64 -18.42 -31.33
CA SER D 75 30.95 -18.13 -31.90
C SER D 75 31.05 -16.69 -32.36
N SER D 76 29.97 -16.14 -32.91
CA SER D 76 29.97 -14.77 -33.39
C SER D 76 29.24 -13.81 -32.46
N SER D 77 28.52 -14.33 -31.46
CA SER D 77 27.90 -13.57 -30.38
C SER D 77 26.88 -12.55 -30.89
N THR D 78 26.09 -12.95 -31.89
CA THR D 78 25.09 -12.09 -32.47
C THR D 78 23.69 -12.69 -32.28
N ALA D 79 22.68 -11.82 -32.34
CA ALA D 79 21.29 -12.22 -32.19
C ALA D 79 20.53 -11.69 -33.39
N TYR D 80 19.75 -12.54 -34.04
CA TYR D 80 19.11 -12.18 -35.29
C TYR D 80 17.62 -11.96 -35.07
N MET D 81 17.12 -10.84 -35.62
CA MET D 81 15.75 -10.41 -35.30
C MET D 81 14.97 -9.98 -36.53
N GLN D 82 15.29 -10.48 -37.72
CA GLN D 82 14.56 -10.06 -38.91
C GLN D 82 13.36 -10.98 -39.16
N LEU D 83 12.26 -10.38 -39.61
CA LEU D 83 11.02 -11.10 -39.86
C LEU D 83 10.79 -11.24 -41.36
N SER D 84 10.57 -12.47 -41.80
CA SER D 84 10.27 -12.73 -43.20
C SER D 84 8.76 -12.72 -43.42
N SER D 85 8.38 -12.86 -44.70
CA SER D 85 6.99 -12.73 -45.18
C SER D 85 6.37 -11.41 -44.73
N LEU D 86 7.16 -10.33 -44.81
CA LEU D 86 6.83 -9.09 -44.15
C LEU D 86 5.82 -8.27 -44.97
N THR D 87 5.39 -7.17 -44.38
CA THR D 87 4.54 -6.17 -45.02
C THR D 87 5.22 -4.82 -44.76
N SER D 88 4.55 -3.71 -45.10
CA SER D 88 5.13 -2.38 -44.93
C SER D 88 5.07 -1.89 -43.48
N GLU D 89 4.36 -2.60 -42.60
CA GLU D 89 4.22 -2.16 -41.22
C GLU D 89 5.44 -2.48 -40.36
N ASP D 90 6.42 -3.20 -40.90
CA ASP D 90 7.68 -3.46 -40.22
C ASP D 90 8.69 -2.31 -40.33
N SER D 91 8.25 -1.14 -40.76
CA SER D 91 9.09 0.05 -40.87
C SER D 91 9.16 0.74 -39.52
N ALA D 92 10.06 0.29 -38.65
CA ALA D 92 10.08 0.73 -37.26
C ALA D 92 11.48 0.54 -36.69
N VAL D 93 11.77 1.28 -35.63
CA VAL D 93 13.07 1.23 -34.97
C VAL D 93 13.17 -0.05 -34.16
N TYR D 94 14.26 -0.79 -34.35
CA TYR D 94 14.44 -2.13 -33.80
C TYR D 94 15.63 -2.14 -32.85
N TYR D 95 15.34 -2.25 -31.55
CA TYR D 95 16.39 -2.24 -30.54
C TYR D 95 16.82 -3.65 -30.15
N CYS D 96 17.69 -3.72 -29.13
CA CYS D 96 18.25 -4.96 -28.61
C CYS D 96 18.46 -4.79 -27.09
N THR D 97 17.52 -5.24 -26.30
CA THR D 97 17.65 -5.16 -24.85
C THR D 97 18.27 -6.45 -24.33
N ARG D 98 19.35 -6.32 -23.55
CA ARG D 98 19.87 -7.49 -22.86
C ARG D 98 19.12 -7.71 -21.55
N ASP D 99 19.51 -8.75 -20.84
CA ASP D 99 18.78 -9.16 -19.66
C ASP D 99 19.52 -8.76 -18.39
N LEU D 100 18.75 -8.18 -17.47
CA LEU D 100 19.19 -7.90 -16.11
C LEU D 100 17.92 -7.98 -15.26
N ARG D 101 17.92 -7.36 -14.08
CA ARG D 101 16.69 -7.21 -13.34
C ARG D 101 15.67 -6.39 -14.13
N GLY D 102 16.15 -5.41 -14.89
CA GLY D 102 15.28 -4.72 -15.81
C GLY D 102 15.57 -5.08 -17.26
N PHE D 103 15.53 -4.08 -18.14
CA PHE D 103 15.91 -4.24 -19.54
C PHE D 103 17.15 -3.40 -19.82
N ALA D 104 18.14 -3.50 -18.92
CA ALA D 104 19.12 -2.44 -18.68
C ALA D 104 19.96 -2.11 -19.91
N TYR D 105 20.47 -3.13 -20.59
CA TYR D 105 21.46 -2.91 -21.65
C TYR D 105 20.75 -2.95 -22.99
N TRP D 106 20.42 -1.77 -23.51
CA TRP D 106 19.90 -1.66 -24.86
C TRP D 106 21.03 -1.62 -25.88
N GLY D 107 20.64 -1.58 -27.15
CA GLY D 107 21.54 -1.25 -28.23
C GLY D 107 21.36 0.20 -28.65
N GLN D 108 21.74 0.48 -29.89
CA GLN D 108 21.42 1.78 -30.47
C GLN D 108 20.17 1.74 -31.34
N GLY D 109 19.97 0.65 -32.09
CA GLY D 109 18.75 0.48 -32.86
C GLY D 109 18.90 0.75 -34.33
N THR D 110 18.00 0.18 -35.14
CA THR D 110 17.93 0.45 -36.56
C THR D 110 16.48 0.46 -37.02
N THR D 111 16.18 1.32 -37.99
CA THR D 111 14.88 1.35 -38.65
C THR D 111 15.00 0.76 -40.05
N VAL D 112 14.17 -0.24 -40.34
CA VAL D 112 14.23 -0.96 -41.60
C VAL D 112 12.90 -0.77 -42.31
N THR D 113 12.90 0.03 -43.37
CA THR D 113 11.71 0.30 -44.17
C THR D 113 11.64 -0.69 -45.32
N VAL D 114 10.57 -1.48 -45.34
CA VAL D 114 10.46 -2.58 -46.30
C VAL D 114 9.14 -2.42 -47.06
N SER D 115 9.24 -2.47 -48.38
CA SER D 115 8.14 -2.28 -49.32
C SER D 115 8.61 -2.81 -50.67
N SER D 116 7.90 -2.44 -51.74
CA SER D 116 8.41 -2.54 -53.10
C SER D 116 8.44 -1.16 -53.75
N PRO D 117 9.29 -0.23 -53.25
CA PRO D 117 9.22 1.16 -53.71
C PRO D 117 10.11 1.47 -54.89
N LYS D 118 10.18 2.74 -55.26
CA LYS D 118 11.19 3.24 -56.17
C LYS D 118 11.88 4.45 -55.53
N THR D 119 13.21 4.47 -55.59
CA THR D 119 14.00 5.50 -54.95
C THR D 119 13.94 6.79 -55.76
N THR D 120 13.40 7.85 -55.15
CA THR D 120 13.25 9.09 -55.92
C THR D 120 14.24 10.14 -55.44
N PRO D 121 14.85 10.88 -56.38
CA PRO D 121 15.77 11.93 -55.97
C PRO D 121 15.03 13.14 -55.43
N PRO D 122 15.66 13.93 -54.57
CA PRO D 122 15.02 15.16 -54.09
C PRO D 122 15.19 16.30 -55.08
N SER D 123 14.50 17.40 -54.80
CA SER D 123 14.48 18.58 -55.66
C SER D 123 14.34 19.81 -54.76
N VAL D 124 15.36 20.66 -54.77
CA VAL D 124 15.35 21.87 -53.94
C VAL D 124 14.56 22.94 -54.68
N TYR D 125 13.48 23.43 -54.08
CA TYR D 125 12.75 24.57 -54.59
C TYR D 125 13.00 25.80 -53.72
N PRO D 126 13.23 26.96 -54.32
CA PRO D 126 13.61 28.13 -53.52
C PRO D 126 12.40 28.73 -52.80
N LEU D 127 12.50 28.81 -51.47
CA LEU D 127 11.55 29.55 -50.65
C LEU D 127 12.23 30.86 -50.26
N ALA D 128 11.93 31.93 -51.00
CA ALA D 128 12.42 33.25 -50.72
C ALA D 128 11.29 34.23 -50.97
N PRO D 129 11.12 35.24 -50.12
CA PRO D 129 10.04 36.21 -50.32
C PRO D 129 10.40 37.22 -51.40
N ALA D 130 9.37 37.88 -51.91
CA ALA D 130 9.55 38.89 -52.94
C ALA D 130 9.49 40.29 -52.35
N ALA D 135 12.53 44.78 -45.25
CA ALA D 135 11.31 45.29 -44.65
C ALA D 135 11.40 45.28 -43.14
N ALA D 136 11.95 44.19 -42.61
CA ALA D 136 12.10 44.01 -41.16
C ALA D 136 13.55 43.65 -40.89
N SER D 137 13.91 43.51 -39.60
CA SER D 137 15.28 43.30 -39.18
C SER D 137 15.80 41.90 -39.50
N MET D 138 15.04 40.84 -39.23
CA MET D 138 15.49 39.49 -39.53
C MET D 138 14.43 38.77 -40.35
N VAL D 139 14.90 37.99 -41.32
CA VAL D 139 14.03 37.23 -42.21
C VAL D 139 14.42 35.77 -42.11
N THR D 140 13.42 34.91 -41.94
CA THR D 140 13.60 33.46 -41.93
C THR D 140 13.76 32.99 -43.39
N LEU D 141 14.57 31.96 -43.59
CA LEU D 141 14.87 31.45 -44.92
C LEU D 141 14.37 30.02 -45.01
N GLY D 142 14.68 29.34 -46.10
CA GLY D 142 14.33 27.95 -46.25
C GLY D 142 14.30 27.52 -47.70
N CYS D 143 14.20 26.21 -47.89
CA CYS D 143 14.06 25.60 -49.21
C CYS D 143 13.33 24.28 -49.04
N LEU D 144 12.23 24.11 -49.77
CA LEU D 144 11.34 22.98 -49.52
C LEU D 144 11.81 21.75 -50.27
N VAL D 145 11.59 20.58 -49.66
CA VAL D 145 11.81 19.29 -50.31
C VAL D 145 10.45 18.71 -50.60
N LYS D 146 10.30 18.07 -51.77
CA LYS D 146 9.03 17.50 -52.18
C LYS D 146 9.26 16.22 -52.95
N GLY D 147 8.79 15.10 -52.40
CA GLY D 147 8.80 13.84 -53.09
C GLY D 147 10.12 13.09 -53.12
N TYR D 148 10.63 12.70 -51.95
CA TYR D 148 11.66 11.68 -51.86
C TYR D 148 11.05 10.48 -51.14
N PHE D 149 11.19 9.29 -51.73
CA PHE D 149 10.46 8.13 -51.22
C PHE D 149 11.13 7.44 -50.02
N PRO D 150 12.43 7.12 -50.00
CA PRO D 150 12.98 6.50 -48.77
C PRO D 150 13.48 7.53 -47.79
N GLU D 151 13.25 7.24 -46.50
CA GLU D 151 13.53 8.12 -45.37
C GLU D 151 14.97 8.64 -45.16
N PRO D 152 16.05 8.05 -45.71
CA PRO D 152 17.32 8.78 -45.72
C PRO D 152 17.25 10.11 -46.45
N VAL D 153 17.56 11.19 -45.71
CA VAL D 153 17.71 12.53 -46.26
C VAL D 153 18.78 13.25 -45.46
N THR D 154 19.29 14.34 -46.02
CA THR D 154 20.36 15.11 -45.39
C THR D 154 19.89 16.52 -45.13
N VAL D 155 20.39 17.11 -44.03
CA VAL D 155 20.04 18.46 -43.61
C VAL D 155 21.32 19.23 -43.31
N THR D 156 21.63 20.20 -44.18
CA THR D 156 22.77 21.09 -43.99
C THR D 156 22.34 22.54 -44.18
N TRP D 157 23.13 23.46 -43.63
CA TRP D 157 23.01 24.88 -43.93
C TRP D 157 24.41 25.49 -43.92
N ASN D 158 24.90 25.86 -45.11
CA ASN D 158 26.22 26.46 -45.36
C ASN D 158 27.37 25.56 -44.93
N SER D 159 27.11 24.25 -44.86
CA SER D 159 28.11 23.20 -44.58
C SER D 159 28.84 23.41 -43.26
N GLY D 160 28.17 23.97 -42.27
CA GLY D 160 28.75 24.10 -40.93
C GLY D 160 29.25 25.49 -40.56
N SER D 161 28.57 26.53 -41.04
CA SER D 161 28.90 27.90 -40.65
C SER D 161 27.69 28.75 -40.29
N LEU D 162 26.48 28.31 -40.65
CA LEU D 162 25.24 29.02 -40.30
C LEU D 162 24.20 28.05 -39.79
N SER D 163 24.60 27.17 -38.86
CA SER D 163 23.70 26.16 -38.30
C SER D 163 23.12 26.59 -36.96
N SER D 164 22.87 27.89 -36.80
CA SER D 164 22.37 28.43 -35.54
C SER D 164 20.86 28.30 -35.41
N GLY D 165 20.11 28.89 -36.34
CA GLY D 165 18.66 28.89 -36.25
C GLY D 165 17.99 27.87 -37.16
N VAL D 166 18.66 26.75 -37.42
CA VAL D 166 18.12 25.68 -38.24
C VAL D 166 17.18 24.86 -37.36
N HIS D 167 15.90 24.85 -37.73
CA HIS D 167 14.91 24.02 -37.04
C HIS D 167 14.69 22.75 -37.86
N THR D 168 14.76 21.60 -37.20
CA THR D 168 14.67 20.31 -37.87
C THR D 168 13.22 19.86 -37.89
N PHE D 169 12.58 19.93 -39.08
CA PHE D 169 11.18 19.59 -39.21
C PHE D 169 11.02 18.15 -39.66
N PRO D 170 10.00 17.44 -39.17
CA PRO D 170 9.75 16.07 -39.61
C PRO D 170 9.23 16.01 -41.04
N ALA D 171 9.45 14.86 -41.66
CA ALA D 171 8.95 14.57 -43.00
C ALA D 171 7.65 13.77 -42.84
N VAL D 172 6.57 14.48 -42.50
CA VAL D 172 5.28 13.83 -42.35
C VAL D 172 4.77 13.42 -43.73
N LEU D 173 3.90 12.41 -43.75
CA LEU D 173 3.55 11.75 -45.01
C LEU D 173 2.29 12.34 -45.62
N GLN D 174 2.31 12.49 -46.95
CA GLN D 174 1.12 12.66 -47.75
C GLN D 174 1.39 12.14 -49.15
N SER D 175 0.47 11.33 -49.67
CA SER D 175 0.50 10.76 -51.03
C SER D 175 1.77 9.95 -51.29
N ASP D 176 2.23 9.26 -50.24
CA ASP D 176 3.41 8.40 -50.25
C ASP D 176 4.67 9.15 -50.68
N LEU D 177 4.82 10.36 -50.16
CA LEU D 177 6.02 11.16 -50.43
C LEU D 177 6.33 12.00 -49.20
N TYR D 178 7.60 12.03 -48.82
CA TYR D 178 8.03 12.70 -47.61
C TYR D 178 8.27 14.18 -47.86
N THR D 179 7.78 15.02 -46.95
CA THR D 179 7.90 16.48 -47.06
C THR D 179 8.32 17.03 -45.72
N LEU D 180 9.60 17.39 -45.57
CA LEU D 180 10.10 18.06 -44.39
C LEU D 180 10.45 19.51 -44.73
N SER D 181 11.04 20.20 -43.75
CA SER D 181 11.41 21.59 -43.91
C SER D 181 12.70 21.85 -43.16
N SER D 182 13.41 22.91 -43.56
CA SER D 182 14.63 23.33 -42.88
C SER D 182 14.73 24.84 -42.99
N SER D 183 14.23 25.55 -41.99
CA SER D 183 14.21 27.01 -42.00
C SER D 183 15.32 27.57 -41.11
N VAL D 184 16.00 28.59 -41.63
CA VAL D 184 17.10 29.23 -40.91
C VAL D 184 16.83 30.73 -40.96
N THR D 185 17.33 31.44 -39.94
CA THR D 185 17.11 32.88 -39.82
C THR D 185 18.39 33.60 -40.22
N VAL D 186 18.26 34.66 -41.02
CA VAL D 186 19.39 35.43 -41.52
C VAL D 186 19.21 36.87 -41.07
N PRO D 187 20.28 37.58 -40.71
CA PRO D 187 20.16 39.03 -40.48
C PRO D 187 20.27 39.82 -41.78
N SER D 188 19.91 41.09 -41.69
CA SER D 188 19.84 41.97 -42.85
C SER D 188 21.21 42.46 -43.32
N SER D 189 22.25 42.29 -42.51
CA SER D 189 23.59 42.70 -42.93
C SER D 189 24.25 41.66 -43.82
N THR D 190 23.78 40.41 -43.76
CA THR D 190 24.31 39.33 -44.58
C THR D 190 23.38 38.95 -45.73
N TRP D 191 22.16 39.50 -45.76
CA TRP D 191 21.22 39.25 -46.84
C TRP D 191 20.94 40.55 -47.58
N PRO D 192 21.14 40.61 -48.90
CA PRO D 192 21.65 39.52 -49.75
C PRO D 192 23.16 39.59 -49.94
N SER D 193 23.89 39.90 -48.87
CA SER D 193 25.33 40.18 -48.94
C SER D 193 26.13 38.91 -49.25
N GLU D 194 26.06 37.92 -48.37
CA GLU D 194 26.71 36.64 -48.62
C GLU D 194 25.72 35.71 -49.33
N THR D 195 26.27 34.84 -50.18
CA THR D 195 25.47 33.93 -50.98
C THR D 195 25.16 32.69 -50.15
N VAL D 196 23.92 32.58 -49.70
CA VAL D 196 23.48 31.45 -48.87
C VAL D 196 23.01 30.34 -49.80
N THR D 197 23.29 29.10 -49.42
CA THR D 197 22.83 27.93 -50.15
C THR D 197 22.30 26.91 -49.14
N CYS D 198 21.47 25.99 -49.64
CA CYS D 198 21.13 24.79 -48.91
C CYS D 198 21.41 23.58 -49.79
N ASN D 199 22.13 22.62 -49.23
CA ASN D 199 22.51 21.43 -49.97
C ASN D 199 22.01 20.20 -49.23
N VAL D 200 20.99 19.56 -49.78
CA VAL D 200 20.46 18.31 -49.22
C VAL D 200 20.94 17.17 -50.09
N ALA D 201 21.01 15.98 -49.51
CA ALA D 201 21.51 14.79 -50.20
C ALA D 201 20.61 13.61 -49.88
N HIS D 202 20.50 12.68 -50.84
CA HIS D 202 19.78 11.43 -50.62
C HIS D 202 20.75 10.27 -50.75
N PRO D 203 21.02 9.53 -49.67
CA PRO D 203 21.94 8.39 -49.77
C PRO D 203 21.38 7.21 -50.56
N ALA D 204 20.06 7.00 -50.56
CA ALA D 204 19.50 5.82 -51.21
C ALA D 204 19.44 5.97 -52.72
N SER D 205 19.21 7.17 -53.24
CA SER D 205 19.23 7.40 -54.67
C SER D 205 20.58 7.89 -55.18
N SER D 206 21.49 8.29 -54.29
CA SER D 206 22.82 8.84 -54.57
C SER D 206 22.74 10.02 -55.53
N THR D 207 21.88 10.97 -55.17
CA THR D 207 21.63 12.15 -55.97
C THR D 207 21.81 13.39 -55.11
N LYS D 208 22.54 14.38 -55.65
CA LYS D 208 22.78 15.64 -54.97
C LYS D 208 22.11 16.76 -55.74
N VAL D 209 21.27 17.54 -55.06
CA VAL D 209 20.60 18.70 -55.64
C VAL D 209 21.03 19.94 -54.85
N ASP D 210 21.44 20.98 -55.56
CA ASP D 210 21.86 22.24 -54.97
C ASP D 210 21.12 23.40 -55.61
N LYS D 211 21.00 24.49 -54.86
CA LYS D 211 20.38 25.72 -55.35
C LYS D 211 20.90 26.88 -54.52
N LYS D 212 21.27 27.97 -55.19
CA LYS D 212 21.64 29.20 -54.53
C LYS D 212 20.39 30.07 -54.40
N ILE D 213 20.25 30.74 -53.26
CA ILE D 213 19.04 31.48 -52.94
C ILE D 213 19.20 32.93 -53.40
N VAL D 214 18.24 33.39 -54.20
CA VAL D 214 18.28 34.72 -54.82
C VAL D 214 17.13 35.53 -54.24
N PRO D 215 17.29 36.83 -53.98
CA PRO D 215 16.13 37.65 -53.63
C PRO D 215 15.30 37.95 -54.87
N ARG D 216 14.00 37.66 -54.77
CA ARG D 216 13.09 37.83 -55.90
C ARG D 216 12.30 39.12 -55.79
N ASP E 1 -9.66 -3.14 -22.13
CA ASP E 1 -9.62 -4.58 -22.28
C ASP E 1 -9.08 -4.97 -23.67
N ILE E 2 -7.77 -5.18 -23.79
CA ILE E 2 -6.82 -5.10 -22.68
C ILE E 2 -5.56 -4.34 -23.09
N GLU E 3 -5.45 -3.09 -22.63
CA GLU E 3 -4.27 -2.27 -22.85
C GLU E 3 -3.88 -1.58 -21.55
N LEU E 4 -2.58 -1.43 -21.33
CA LEU E 4 -2.05 -0.89 -20.09
C LEU E 4 -1.06 0.21 -20.43
N THR E 5 -1.25 1.40 -19.85
CA THR E 5 -0.38 2.53 -20.13
C THR E 5 -0.32 3.43 -18.90
N GLN E 6 0.51 4.46 -18.99
CA GLN E 6 0.58 5.49 -17.97
C GLN E 6 -0.58 6.47 -18.15
N SER E 7 -1.19 6.84 -17.03
CA SER E 7 -2.50 7.51 -17.06
C SER E 7 -2.49 8.96 -17.57
N PRO E 8 -1.58 9.89 -17.13
CA PRO E 8 -1.61 11.21 -17.77
C PRO E 8 -0.71 11.30 -19.00
N ALA E 9 -1.20 11.89 -20.08
CA ALA E 9 -0.56 11.74 -21.38
C ALA E 9 0.61 12.70 -21.57
N ILE E 10 0.33 14.00 -21.61
CA ILE E 10 1.35 15.03 -21.87
C ILE E 10 1.38 15.98 -20.70
N MET E 11 2.50 16.00 -19.97
CA MET E 11 2.65 16.85 -18.80
C MET E 11 3.56 18.03 -19.10
N SER E 12 3.67 18.92 -18.11
CA SER E 12 4.47 20.13 -18.21
C SER E 12 4.69 20.66 -16.81
N ALA E 13 5.95 20.97 -16.47
CA ALA E 13 6.26 21.49 -15.14
C ALA E 13 7.52 22.35 -15.22
N SER E 14 7.47 23.54 -14.52
CA SER E 14 8.60 24.45 -14.39
C SER E 14 9.71 23.81 -13.58
N PRO E 15 10.97 24.25 -13.73
CA PRO E 15 12.04 23.70 -12.91
C PRO E 15 11.92 24.10 -11.45
N GLY E 16 11.51 23.16 -10.60
CA GLY E 16 11.37 23.42 -9.19
C GLY E 16 10.15 22.79 -8.55
N GLU E 17 9.26 22.24 -9.36
CA GLU E 17 7.99 21.72 -8.88
C GLU E 17 8.06 20.19 -8.75
N LYS E 18 6.93 19.60 -8.37
CA LYS E 18 6.81 18.16 -8.16
C LYS E 18 6.34 17.48 -9.44
N VAL E 19 7.06 16.44 -9.84
CA VAL E 19 6.71 15.63 -11.01
C VAL E 19 6.43 14.21 -10.51
N THR E 20 5.14 13.87 -10.40
CA THR E 20 4.71 12.55 -9.96
C THR E 20 4.07 11.83 -11.14
N MET E 21 4.61 10.66 -11.48
CA MET E 21 4.12 9.86 -12.58
C MET E 21 3.12 8.82 -12.08
N THR E 22 2.33 8.27 -12.99
CA THR E 22 1.31 7.32 -12.61
C THR E 22 1.12 6.32 -13.74
N CYS E 23 1.42 5.05 -13.47
CA CYS E 23 1.27 3.98 -14.45
C CYS E 23 0.09 3.10 -14.05
N SER E 24 -0.68 2.69 -15.05
CA SER E 24 -1.82 1.82 -14.84
C SER E 24 -1.56 0.50 -15.56
N ALA E 25 -1.90 -0.61 -14.92
CA ALA E 25 -1.62 -1.92 -15.46
C ALA E 25 -2.92 -2.69 -15.64
N SER E 26 -2.95 -3.53 -16.69
CA SER E 26 -4.08 -4.40 -16.95
C SER E 26 -4.12 -5.61 -16.04
N SER E 27 -2.95 -6.06 -15.55
CA SER E 27 -2.87 -7.16 -14.59
C SER E 27 -1.84 -6.78 -13.54
N SER E 28 -1.96 -7.42 -12.37
CA SER E 28 -1.06 -7.09 -11.27
C SER E 28 0.33 -7.65 -11.51
N LEU E 29 1.32 -7.01 -10.88
CA LEU E 29 2.70 -7.44 -10.93
C LEU E 29 3.32 -7.21 -9.56
N ARG E 30 4.61 -7.47 -9.46
CA ARG E 30 5.35 -7.22 -8.22
C ARG E 30 6.48 -6.22 -8.41
N TYR E 31 7.31 -6.39 -9.43
CA TYR E 31 8.35 -5.45 -9.77
C TYR E 31 7.92 -4.65 -11.00
N MET E 32 8.36 -3.39 -11.03
CA MET E 32 8.02 -2.50 -12.13
C MET E 32 9.27 -1.74 -12.51
N HIS E 33 9.49 -1.58 -13.81
CA HIS E 33 10.69 -0.94 -14.33
C HIS E 33 10.31 0.44 -14.84
N TRP E 34 11.24 1.37 -14.78
CA TRP E 34 11.03 2.74 -15.24
C TRP E 34 12.25 3.20 -16.01
N TYR E 35 12.03 3.98 -17.06
CA TYR E 35 13.06 4.32 -18.02
C TYR E 35 13.10 5.83 -18.23
N GLN E 36 14.11 6.27 -18.98
CA GLN E 36 14.23 7.68 -19.37
C GLN E 36 14.62 7.69 -20.84
N GLN E 37 13.62 7.68 -21.71
CA GLN E 37 13.81 7.52 -23.16
C GLN E 37 13.74 8.90 -23.80
N LYS E 38 14.90 9.47 -24.09
CA LYS E 38 14.95 10.77 -24.76
C LYS E 38 14.64 10.61 -26.24
N SER E 39 14.35 11.73 -26.88
CA SER E 39 13.90 11.74 -28.27
C SER E 39 15.09 11.51 -29.20
N GLY E 40 15.03 10.46 -30.00
CA GLY E 40 16.05 10.18 -30.98
C GLY E 40 17.10 9.20 -30.51
N THR E 41 17.31 9.14 -29.20
CA THR E 41 18.36 8.32 -28.60
C THR E 41 17.74 7.11 -27.92
N SER E 42 18.57 6.12 -27.64
CA SER E 42 18.13 4.87 -27.04
C SER E 42 17.71 5.11 -25.58
N PRO E 43 16.71 4.36 -25.11
CA PRO E 43 16.30 4.50 -23.70
C PRO E 43 17.35 3.95 -22.76
N LYS E 44 17.24 4.40 -21.51
CA LYS E 44 18.11 3.96 -20.44
C LYS E 44 17.26 3.33 -19.35
N ARG E 45 17.90 2.93 -18.26
CA ARG E 45 17.19 2.43 -17.10
C ARG E 45 17.15 3.53 -16.05
N TRP E 46 16.00 3.69 -15.40
CA TRP E 46 15.85 4.71 -14.38
C TRP E 46 15.51 4.15 -13.01
N ILE E 47 14.46 3.34 -12.89
CA ILE E 47 14.01 2.76 -11.63
C ILE E 47 13.55 1.35 -11.91
N TYR E 48 14.16 0.37 -11.25
CA TYR E 48 13.77 -1.02 -11.37
C TYR E 48 13.42 -1.57 -9.99
N ASP E 49 12.68 -2.68 -9.98
CA ASP E 49 12.13 -3.32 -8.77
C ASP E 49 11.27 -2.34 -7.96
N THR E 50 10.63 -1.40 -8.66
CA THR E 50 9.73 -0.32 -8.26
C THR E 50 10.40 0.82 -7.50
N TYR E 51 11.63 0.66 -7.00
CA TYR E 51 12.19 1.79 -6.28
C TYR E 51 13.70 2.02 -6.42
N ASN E 52 14.44 1.00 -6.88
CA ASN E 52 15.82 0.83 -6.42
C ASN E 52 16.83 1.91 -6.79
N LEU E 53 17.24 1.99 -8.05
CA LEU E 53 18.39 2.80 -8.44
C LEU E 53 18.51 2.83 -9.96
N ALA E 54 19.59 3.42 -10.43
CA ALA E 54 20.09 3.25 -11.79
C ALA E 54 21.58 3.52 -11.79
N SER E 55 22.16 3.58 -12.99
CA SER E 55 23.59 3.85 -13.11
C SER E 55 23.89 5.33 -12.92
N GLY E 56 23.15 6.19 -13.62
CA GLY E 56 23.44 7.62 -13.59
C GLY E 56 22.29 8.48 -13.11
N VAL E 57 21.21 7.87 -12.64
CA VAL E 57 20.06 8.64 -12.15
C VAL E 57 20.42 9.25 -10.79
N PRO E 58 19.98 10.47 -10.50
CA PRO E 58 20.40 11.14 -9.26
C PRO E 58 19.66 10.60 -8.04
N VAL E 59 19.95 11.20 -6.89
CA VAL E 59 19.40 10.75 -5.62
C VAL E 59 17.99 11.29 -5.38
N ARG E 60 17.53 12.25 -6.20
CA ARG E 60 16.23 12.86 -5.98
C ARG E 60 15.08 12.04 -6.55
N PHE E 61 15.35 11.14 -7.49
CA PHE E 61 14.30 10.31 -8.06
C PHE E 61 13.81 9.27 -7.05
N SER E 62 12.50 9.20 -6.88
CA SER E 62 11.88 8.25 -5.98
C SER E 62 10.76 7.52 -6.72
N GLY E 63 10.43 6.32 -6.25
CA GLY E 63 9.42 5.54 -6.93
C GLY E 63 8.82 4.50 -6.02
N SER E 64 7.58 4.12 -6.34
CA SER E 64 6.84 3.11 -5.59
C SER E 64 5.71 2.61 -6.49
N GLY E 65 4.77 1.87 -5.89
CA GLY E 65 3.58 1.45 -6.60
C GLY E 65 3.47 -0.06 -6.75
N SER E 66 2.49 -0.66 -6.09
CA SER E 66 2.29 -2.10 -6.12
C SER E 66 0.92 -2.40 -6.70
N GLY E 67 0.76 -3.59 -7.26
CA GLY E 67 -0.49 -3.96 -7.88
C GLY E 67 -0.57 -3.49 -9.31
N THR E 68 -1.70 -2.92 -9.70
CA THR E 68 -1.90 -2.43 -11.06
C THR E 68 -1.57 -0.95 -11.18
N SER E 69 -1.07 -0.33 -10.12
CA SER E 69 -0.78 1.09 -10.12
C SER E 69 0.64 1.31 -9.65
N TYR E 70 1.41 2.09 -10.42
CA TYR E 70 2.78 2.45 -10.09
C TYR E 70 2.95 3.96 -10.08
N SER E 71 4.02 4.42 -9.44
CA SER E 71 4.23 5.85 -9.26
C SER E 71 5.73 6.11 -9.06
N LEU E 72 6.33 6.86 -9.98
CA LEU E 72 7.72 7.27 -9.90
C LEU E 72 7.75 8.80 -9.74
N THR E 73 8.09 9.25 -8.54
CA THR E 73 7.97 10.66 -8.19
C THR E 73 9.33 11.35 -8.24
N ILE E 74 9.41 12.44 -9.00
CA ILE E 74 10.56 13.34 -8.97
C ILE E 74 10.33 14.35 -7.85
N SER E 75 11.34 14.52 -7.00
CA SER E 75 11.20 15.40 -5.85
C SER E 75 11.21 16.87 -6.25
N SER E 76 12.03 17.24 -7.24
CA SER E 76 12.12 18.61 -7.72
C SER E 76 12.69 18.58 -9.13
N MET E 77 11.96 19.14 -10.08
CA MET E 77 12.37 19.06 -11.48
C MET E 77 13.54 19.99 -11.76
N GLU E 78 14.55 19.46 -12.42
CA GLU E 78 15.75 20.19 -12.79
C GLU E 78 15.84 20.26 -14.31
N ALA E 79 16.98 20.73 -14.81
CA ALA E 79 17.16 20.89 -16.25
C ALA E 79 17.39 19.56 -16.97
N GLU E 80 17.66 18.49 -16.24
CA GLU E 80 17.94 17.18 -16.82
C GLU E 80 16.83 16.18 -16.60
N ASP E 81 15.64 16.63 -16.21
CA ASP E 81 14.52 15.75 -15.89
C ASP E 81 13.37 15.93 -16.89
N ALA E 82 13.70 16.06 -18.17
CA ALA E 82 12.69 16.26 -19.22
C ALA E 82 12.85 15.13 -20.23
N ALA E 83 12.17 14.02 -19.99
CA ALA E 83 12.28 12.84 -20.84
C ALA E 83 10.95 12.12 -20.88
N THR E 84 10.78 11.29 -21.91
CA THR E 84 9.63 10.42 -22.04
C THR E 84 9.89 9.12 -21.29
N TYR E 85 9.14 8.89 -20.22
CA TYR E 85 9.37 7.76 -19.33
C TYR E 85 8.29 6.70 -19.55
N TYR E 86 8.73 5.46 -19.77
CA TYR E 86 7.85 4.33 -19.97
C TYR E 86 8.08 3.30 -18.86
N CYS E 87 7.10 2.42 -18.68
CA CYS E 87 7.18 1.36 -17.69
C CYS E 87 7.15 0.00 -18.38
N GLN E 88 7.42 -1.06 -17.60
CA GLN E 88 7.50 -2.41 -18.16
C GLN E 88 7.28 -3.44 -17.06
N GLN E 89 7.01 -4.67 -17.48
CA GLN E 89 6.79 -5.78 -16.56
C GLN E 89 7.03 -7.08 -17.33
N TRP E 90 8.03 -7.86 -16.91
CA TRP E 90 8.35 -9.11 -17.59
C TRP E 90 7.27 -10.15 -17.31
N SER E 91 6.91 -10.88 -18.35
CA SER E 91 5.78 -11.80 -18.39
C SER E 91 6.00 -12.70 -19.62
N SER E 92 5.59 -13.99 -19.58
CA SER E 92 4.39 -14.69 -19.02
C SER E 92 3.10 -13.97 -19.38
N ASN E 93 2.82 -13.90 -20.71
CA ASN E 93 1.76 -13.13 -21.35
C ASN E 93 1.94 -11.65 -21.02
N PRO E 94 2.87 -10.95 -21.69
CA PRO E 94 3.07 -9.50 -21.45
C PRO E 94 1.80 -8.70 -21.71
N PRO E 95 1.61 -7.59 -20.99
CA PRO E 95 0.32 -6.87 -21.07
C PRO E 95 -0.04 -6.23 -22.42
N THR E 96 0.82 -5.53 -23.18
CA THR E 96 2.23 -5.18 -23.03
C THR E 96 2.44 -3.84 -22.32
N PHE E 97 3.65 -3.29 -22.45
CA PHE E 97 4.05 -2.06 -21.81
C PHE E 97 3.27 -0.86 -22.34
N GLY E 98 3.50 0.30 -21.73
CA GLY E 98 2.75 1.50 -22.04
C GLY E 98 3.35 2.29 -23.19
N ALA E 99 2.96 3.56 -23.24
CA ALA E 99 3.38 4.45 -24.31
C ALA E 99 4.60 5.29 -23.96
N GLY E 100 4.52 6.08 -22.90
CA GLY E 100 5.60 7.03 -22.59
C GLY E 100 4.96 8.34 -22.19
N THR E 101 5.66 9.07 -21.33
CA THR E 101 5.12 10.29 -20.73
C THR E 101 5.96 11.48 -21.18
N LYS E 102 5.52 12.15 -22.25
CA LYS E 102 6.20 13.35 -22.72
C LYS E 102 5.95 14.50 -21.77
N LEU E 103 7.01 15.23 -21.43
CA LEU E 103 6.90 16.37 -20.55
C LEU E 103 7.96 17.41 -20.89
N GLU E 104 7.57 18.68 -20.75
CA GLU E 104 8.36 19.84 -21.15
C GLU E 104 8.53 20.78 -19.96
N LEU E 105 9.74 21.32 -19.80
CA LEU E 105 9.99 22.33 -18.77
C LEU E 105 9.21 23.61 -19.10
N LYS E 106 8.43 24.07 -18.12
CA LYS E 106 7.57 25.23 -18.29
C LYS E 106 8.35 26.53 -18.12
N ARG E 107 7.95 27.55 -18.86
CA ARG E 107 8.58 28.87 -18.80
C ARG E 107 7.50 29.90 -19.14
N ALA E 108 7.94 31.11 -19.48
CA ALA E 108 7.01 32.14 -19.94
C ALA E 108 6.49 31.79 -21.34
N ASP E 109 5.19 31.99 -21.54
CA ASP E 109 4.57 31.65 -22.81
C ASP E 109 4.83 32.75 -23.82
N ALA E 110 5.39 32.38 -24.97
CA ALA E 110 5.81 33.34 -25.98
C ALA E 110 4.91 33.26 -27.21
N ALA E 111 4.69 34.42 -27.86
CA ALA E 111 3.88 34.57 -29.06
C ALA E 111 4.71 34.32 -30.30
N PRO E 112 4.21 33.56 -31.28
CA PRO E 112 5.04 33.18 -32.44
C PRO E 112 5.20 34.28 -33.47
N THR E 113 5.87 33.94 -34.56
CA THR E 113 5.84 34.72 -35.80
C THR E 113 5.33 33.82 -36.92
N VAL E 114 4.56 34.40 -37.83
CA VAL E 114 3.91 33.66 -38.91
C VAL E 114 4.43 34.18 -40.23
N SER E 115 5.35 33.45 -40.85
CA SER E 115 6.03 33.87 -42.07
C SER E 115 5.48 33.10 -43.26
N ILE E 116 4.62 33.74 -44.04
CA ILE E 116 4.07 33.17 -45.26
C ILE E 116 5.08 33.39 -46.38
N PHE E 117 5.23 32.40 -47.26
CA PHE E 117 6.21 32.50 -48.34
C PHE E 117 5.57 32.36 -49.70
N PRO E 118 5.80 33.32 -50.61
CA PRO E 118 5.27 33.17 -51.97
C PRO E 118 6.09 32.17 -52.77
N PRO E 119 5.44 31.35 -53.60
CA PRO E 119 6.20 30.45 -54.49
C PRO E 119 6.90 31.23 -55.59
N SER E 120 8.13 30.83 -55.89
CA SER E 120 8.96 31.51 -56.86
C SER E 120 8.64 31.03 -58.28
N SER E 121 9.50 31.40 -59.24
CA SER E 121 9.28 31.05 -60.64
C SER E 121 9.54 29.58 -60.95
N GLU E 122 10.55 28.98 -60.33
CA GLU E 122 10.97 27.62 -60.68
C GLU E 122 9.95 26.56 -60.27
N GLN E 123 9.14 26.82 -59.24
CA GLN E 123 8.13 25.86 -58.82
C GLN E 123 6.95 25.82 -59.78
N LEU E 124 6.51 26.98 -60.28
CA LEU E 124 5.37 27.04 -61.18
C LEU E 124 5.72 26.60 -62.59
N THR E 125 7.00 26.67 -62.98
CA THR E 125 7.42 26.12 -64.26
C THR E 125 7.43 24.59 -64.20
N SER E 126 7.95 24.03 -63.11
CA SER E 126 7.81 22.60 -62.87
C SER E 126 6.35 22.23 -62.59
N GLY E 127 5.57 23.15 -62.03
CA GLY E 127 4.15 22.94 -61.86
C GLY E 127 3.70 22.61 -60.45
N GLY E 128 4.25 23.32 -59.46
CA GLY E 128 3.84 23.11 -58.09
C GLY E 128 3.30 24.40 -57.47
N ALA E 129 2.52 24.23 -56.41
CA ALA E 129 1.99 25.35 -55.65
C ALA E 129 1.95 24.96 -54.17
N SER E 130 2.95 25.41 -53.41
CA SER E 130 3.05 25.04 -52.01
C SER E 130 3.22 26.31 -51.19
N VAL E 131 2.16 26.75 -50.55
CA VAL E 131 2.16 27.94 -49.71
C VAL E 131 2.31 27.50 -48.26
N VAL E 132 3.26 28.10 -47.56
CA VAL E 132 3.57 27.76 -46.17
C VAL E 132 3.24 28.96 -45.30
N CYS E 133 3.21 28.72 -43.99
CA CYS E 133 3.34 29.81 -43.02
C CYS E 133 3.98 29.25 -41.76
N PHE E 134 5.27 29.51 -41.61
CA PHE E 134 6.09 28.90 -40.58
C PHE E 134 5.83 29.61 -39.25
N LEU E 135 5.23 28.90 -38.31
CA LEU E 135 5.03 29.39 -36.95
C LEU E 135 6.28 29.03 -36.16
N ASN E 136 7.05 30.04 -35.76
CA ASN E 136 8.31 29.83 -35.09
C ASN E 136 8.29 30.44 -33.69
N ASN E 137 8.88 29.72 -32.74
CA ASN E 137 9.16 30.18 -31.37
C ASN E 137 7.88 30.57 -30.62
N PHE E 138 7.02 29.58 -30.40
CA PHE E 138 5.80 29.78 -29.63
C PHE E 138 5.84 28.95 -28.35
N TYR E 139 4.88 29.23 -27.48
CA TYR E 139 4.67 28.54 -26.22
C TYR E 139 3.26 28.84 -25.74
N PRO E 140 2.45 27.82 -25.40
CA PRO E 140 2.69 26.37 -25.36
C PRO E 140 2.59 25.66 -26.70
N LYS E 141 2.34 24.35 -26.62
CA LYS E 141 2.36 23.49 -27.80
C LYS E 141 1.13 23.70 -28.68
N ASP E 142 -0.03 23.98 -28.09
CA ASP E 142 -1.29 23.88 -28.80
C ASP E 142 -1.61 25.17 -29.56
N ILE E 143 -1.93 25.04 -30.84
CA ILE E 143 -2.45 26.12 -31.68
C ILE E 143 -3.54 25.54 -32.56
N ASN E 144 -4.74 26.11 -32.51
CA ASN E 144 -5.81 25.73 -33.42
C ASN E 144 -5.70 26.54 -34.70
N VAL E 145 -5.07 25.96 -35.74
CA VAL E 145 -4.70 26.70 -36.93
C VAL E 145 -5.89 26.76 -37.88
N LYS E 146 -5.90 27.80 -38.71
CA LYS E 146 -6.92 27.97 -39.73
C LYS E 146 -6.28 28.49 -41.00
N TRP E 147 -6.58 27.83 -42.12
CA TRP E 147 -6.20 28.29 -43.45
C TRP E 147 -7.48 28.77 -44.14
N LYS E 148 -7.59 30.07 -44.35
CA LYS E 148 -8.70 30.64 -45.09
C LYS E 148 -8.16 31.53 -46.21
N ILE E 149 -8.60 31.25 -47.43
CA ILE E 149 -8.16 32.02 -48.59
C ILE E 149 -9.39 32.68 -49.21
N ASP E 150 -9.31 34.01 -49.38
CA ASP E 150 -10.34 34.86 -49.99
C ASP E 150 -11.71 34.73 -49.31
N GLY E 151 -11.71 34.68 -47.99
CA GLY E 151 -12.95 34.70 -47.24
C GLY E 151 -13.38 33.36 -46.68
N SER E 152 -13.23 32.31 -47.48
CA SER E 152 -13.67 30.99 -47.08
C SER E 152 -12.47 30.11 -46.70
N GLU E 153 -12.74 29.09 -45.90
CA GLU E 153 -11.72 28.24 -45.30
C GLU E 153 -11.28 27.15 -46.27
N ARG E 154 -10.09 26.61 -46.01
CA ARG E 154 -9.50 25.57 -46.83
C ARG E 154 -8.72 24.62 -45.93
N GLN E 155 -9.05 23.33 -45.98
CA GLN E 155 -8.41 22.33 -45.13
C GLN E 155 -7.86 21.13 -45.89
N ASN E 156 -7.88 21.15 -47.22
CA ASN E 156 -7.39 20.02 -47.99
C ASN E 156 -5.94 20.25 -48.40
N GLY E 157 -5.13 19.19 -48.27
CA GLY E 157 -3.71 19.29 -48.51
C GLY E 157 -2.91 19.96 -47.41
N VAL E 158 -3.52 20.23 -46.26
CA VAL E 158 -2.83 20.91 -45.18
C VAL E 158 -2.00 19.92 -44.38
N LEU E 159 -0.70 20.20 -44.28
CA LEU E 159 0.24 19.35 -43.56
C LEU E 159 0.86 20.13 -42.42
N ASN E 160 1.23 19.41 -41.34
CA ASN E 160 1.68 20.01 -40.08
C ASN E 160 2.85 19.19 -39.53
N SER E 161 4.00 19.84 -39.42
CA SER E 161 5.21 19.21 -38.87
C SER E 161 5.66 19.92 -37.61
N TRP E 162 6.19 19.16 -36.65
CA TRP E 162 6.55 19.68 -35.34
C TRP E 162 8.04 19.50 -35.10
N THR E 163 8.80 20.58 -35.20
CA THR E 163 10.20 20.56 -34.77
C THR E 163 10.26 20.41 -33.25
N ASP E 164 11.11 19.49 -32.80
CA ASP E 164 11.18 19.08 -31.40
C ASP E 164 11.77 20.20 -30.53
N GLN E 165 11.90 19.92 -29.23
CA GLN E 165 12.17 20.95 -28.23
C GLN E 165 13.58 21.52 -28.33
N ASP E 166 13.68 22.85 -28.22
CA ASP E 166 14.95 23.54 -28.33
C ASP E 166 15.62 23.70 -26.96
N SER E 167 16.92 23.95 -26.99
CA SER E 167 17.72 24.02 -25.77
C SER E 167 18.12 25.43 -25.38
N LYS E 168 18.19 26.36 -26.33
CA LYS E 168 18.63 27.73 -26.06
C LYS E 168 17.47 28.68 -25.83
N ASP E 169 16.39 28.55 -26.60
CA ASP E 169 15.16 29.29 -26.35
C ASP E 169 14.15 28.51 -25.53
N SER E 170 14.17 27.18 -25.62
CA SER E 170 13.16 26.27 -25.04
C SER E 170 11.75 26.65 -25.49
N THR E 171 11.55 26.66 -26.80
CA THR E 171 10.25 26.84 -27.45
C THR E 171 10.10 25.82 -28.57
N TYR E 172 8.96 25.90 -29.26
CA TYR E 172 8.64 25.02 -30.38
C TYR E 172 8.42 25.86 -31.63
N SER E 173 8.62 25.23 -32.79
CA SER E 173 8.52 25.90 -34.08
C SER E 173 7.84 24.99 -35.07
N MET E 174 6.72 25.43 -35.63
CA MET E 174 5.88 24.63 -36.50
C MET E 174 6.09 25.03 -37.96
N SER E 175 5.69 24.15 -38.87
CA SER E 175 5.57 24.47 -40.28
C SER E 175 4.14 24.21 -40.73
N SER E 176 3.31 25.24 -40.73
CA SER E 176 1.96 25.16 -41.26
C SER E 176 2.08 25.30 -42.78
N THR E 177 1.67 24.27 -43.50
CA THR E 177 1.93 24.16 -44.92
C THR E 177 0.80 23.41 -45.61
N LEU E 178 0.21 24.02 -46.63
CA LEU E 178 -0.74 23.34 -47.48
C LEU E 178 -0.12 23.20 -48.87
N THR E 179 -0.56 22.18 -49.60
CA THR E 179 -0.08 21.92 -50.94
C THR E 179 -1.23 21.98 -51.93
N LEU E 180 -1.02 22.75 -53.00
CA LEU E 180 -1.99 22.84 -54.09
C LEU E 180 -1.29 22.48 -55.39
N THR E 181 -1.97 22.68 -56.51
CA THR E 181 -1.38 22.45 -57.83
C THR E 181 -1.32 23.81 -58.53
N LYS E 182 -0.55 23.86 -59.64
CA LYS E 182 -0.17 25.12 -60.28
C LYS E 182 -1.37 25.89 -60.83
N ASP E 183 -2.47 25.20 -61.15
CA ASP E 183 -3.68 25.86 -61.62
C ASP E 183 -4.55 26.40 -60.49
N GLU E 184 -4.43 25.85 -59.28
CA GLU E 184 -5.24 26.31 -58.16
C GLU E 184 -4.65 27.56 -57.50
N TYR E 185 -3.42 27.94 -57.84
CA TYR E 185 -2.80 29.11 -57.25
C TYR E 185 -3.15 30.40 -57.97
N GLU E 186 -3.46 30.34 -59.27
CA GLU E 186 -3.70 31.53 -60.08
C GLU E 186 -5.16 31.97 -60.03
N ARG E 187 -5.97 31.34 -59.18
CA ARG E 187 -7.36 31.74 -59.00
C ARG E 187 -7.57 32.38 -57.63
N HIS E 188 -6.62 32.25 -56.73
CA HIS E 188 -6.71 32.83 -55.40
C HIS E 188 -5.55 33.81 -55.22
N ASN E 189 -5.85 34.94 -54.58
CA ASN E 189 -4.95 36.09 -54.61
C ASN E 189 -4.25 36.32 -53.27
N SER E 190 -5.00 36.49 -52.18
CA SER E 190 -4.42 36.79 -50.87
C SER E 190 -4.28 35.48 -50.10
N TYR E 191 -3.04 35.10 -49.82
CA TYR E 191 -2.76 33.88 -49.07
C TYR E 191 -2.28 34.28 -47.68
N THR E 192 -2.95 33.76 -46.65
CA THR E 192 -2.71 34.19 -45.28
C THR E 192 -2.97 33.07 -44.29
N CYS E 193 -2.63 33.35 -43.03
CA CYS E 193 -2.76 32.40 -41.94
C CYS E 193 -3.13 33.15 -40.67
N GLU E 194 -3.98 32.55 -39.85
CA GLU E 194 -4.25 33.05 -38.50
C GLU E 194 -3.81 32.00 -37.49
N ALA E 195 -2.99 32.43 -36.53
CA ALA E 195 -2.47 31.57 -35.47
C ALA E 195 -3.23 31.90 -34.20
N THR E 196 -4.25 31.09 -33.88
CA THR E 196 -5.02 31.27 -32.68
C THR E 196 -4.25 30.73 -31.49
N HIS E 197 -3.79 31.65 -30.63
CA HIS E 197 -2.94 31.27 -29.51
C HIS E 197 -3.45 32.00 -28.28
N LYS E 198 -3.14 31.44 -27.10
CA LYS E 198 -3.66 31.98 -25.85
C LYS E 198 -2.87 33.19 -25.34
N THR E 199 -1.73 33.51 -25.96
CA THR E 199 -0.98 34.68 -25.53
C THR E 199 -1.59 35.96 -26.07
N SER E 200 -1.67 36.07 -27.40
CA SER E 200 -2.24 37.24 -28.04
C SER E 200 -3.72 37.03 -28.34
N THR E 201 -4.50 38.11 -28.23
CA THR E 201 -5.92 38.03 -28.50
C THR E 201 -6.20 37.91 -29.99
N SER E 202 -5.56 38.76 -30.80
CA SER E 202 -5.77 38.68 -32.23
C SER E 202 -4.61 37.95 -32.90
N PRO E 203 -4.92 37.01 -33.80
CA PRO E 203 -3.86 36.33 -34.54
C PRO E 203 -3.19 37.25 -35.54
N ILE E 204 -1.87 37.14 -35.62
CA ILE E 204 -1.07 37.99 -36.52
C ILE E 204 -1.23 37.50 -37.95
N VAL E 205 -1.58 38.44 -38.83
CA VAL E 205 -2.04 38.16 -40.19
C VAL E 205 -1.23 39.00 -41.16
N LYS E 206 -0.65 38.35 -42.17
CA LYS E 206 0.10 39.02 -43.22
C LYS E 206 -0.55 38.72 -44.56
N SER E 207 -0.52 39.67 -45.47
CA SER E 207 -1.22 39.54 -46.74
C SER E 207 -0.31 39.92 -47.90
N PHE E 208 -0.48 39.22 -49.02
CA PHE E 208 0.26 39.48 -50.23
C PHE E 208 -0.56 39.00 -51.42
N ASN E 209 -0.36 39.63 -52.57
CA ASN E 209 -1.17 39.37 -53.75
C ASN E 209 -0.31 38.82 -54.87
N ARG E 210 -0.96 38.47 -55.98
CA ARG E 210 -0.32 37.84 -57.12
C ARG E 210 -0.03 38.81 -58.27
N ASN E 211 -0.74 39.93 -58.37
CA ASN E 211 -0.57 40.86 -59.49
C ASN E 211 0.67 41.75 -59.35
N GLU E 212 1.48 41.58 -58.31
CA GLU E 212 2.69 42.36 -58.12
C GLU E 212 3.90 41.46 -58.32
N CYS E 213 4.85 41.94 -59.12
CA CYS E 213 6.11 41.23 -59.32
C CYS E 213 7.22 42.21 -59.68
#